data_6MX7
#
_entry.id   6MX7
#
_entity_poly.entity_id   1
_entity_poly.type   'polypeptide(L)'
_entity_poly.pdbx_seq_one_letter_code
;MFPYPTLNYPPMAPINPMAYRDPNPPRQVAPFRPPLAAQIEDLRRSIANLTLKQRAPNPPAGPPAKRKKPAPKPKPAQAK
KKRPPPPAKKQKRKPKPGKRQRMCMKLESDKTFPIMLNGQVNGYACVVGGRVFKPLHVEGRIDNEQLAAIKLKKASIYDL
EYGDVPQCMKSDTLQYTSDKPPGFYNWHHGAVQYENNRFTVPRGVGGKGDSGRPILDNKGRVVAIVLGGVNEGSRTALSV
VTWNQKGVTVKDTPEGSEPW
;
_entity_poly.pdbx_strand_id   C,F,I,L
#
# COMPACT_ATOMS: atom_id res chain seq x y z
N LYS A 81 24.07 48.13 -22.75
CA LYS A 81 23.15 49.18 -22.30
C LYS A 81 22.43 49.77 -23.51
N LYS A 82 21.24 49.25 -23.81
CA LYS A 82 20.51 49.60 -25.02
C LYS A 82 19.12 50.12 -24.67
N ARG A 83 18.39 50.58 -25.70
CA ARG A 83 17.07 51.18 -25.54
C ARG A 83 15.99 50.44 -26.33
N PRO A 84 15.46 49.33 -25.80
CA PRO A 84 14.11 48.93 -26.18
C PRO A 84 13.12 49.44 -25.15
N PRO A 85 11.82 49.42 -25.45
CA PRO A 85 10.79 49.36 -24.38
C PRO A 85 10.32 47.94 -24.14
N PRO A 86 11.10 47.09 -23.46
CA PRO A 86 10.88 45.65 -23.54
C PRO A 86 9.83 45.18 -22.56
N PRO A 87 8.88 44.36 -23.00
CA PRO A 87 8.00 43.68 -22.04
C PRO A 87 8.48 42.30 -21.62
N ALA A 88 8.52 42.04 -20.30
CA ALA A 88 8.33 40.71 -19.74
C ALA A 88 9.33 39.62 -20.14
N LYS A 89 10.54 39.67 -19.55
CA LYS A 89 11.52 38.58 -19.65
C LYS A 89 10.92 37.19 -19.45
N LYS A 90 10.14 36.99 -18.38
CA LYS A 90 9.94 35.67 -17.81
C LYS A 90 8.69 34.95 -18.32
N GLN A 91 7.50 35.49 -18.06
CA GLN A 91 6.29 34.66 -18.10
C GLN A 91 5.18 35.31 -18.93
N LYS A 92 5.52 35.95 -20.03
CA LYS A 92 4.48 36.39 -20.96
C LYS A 92 4.82 35.95 -22.37
N ARG A 93 5.14 34.66 -22.51
CA ARG A 93 5.09 34.01 -23.80
C ARG A 93 3.66 33.98 -24.32
N LYS A 94 3.53 33.86 -25.64
CA LYS A 94 2.21 33.65 -26.23
C LYS A 94 1.52 32.33 -25.84
N PRO A 95 2.19 31.17 -25.72
CA PRO A 95 1.45 30.00 -25.20
C PRO A 95 1.17 30.12 -23.70
N LYS A 96 -0.12 30.11 -23.36
CA LYS A 96 -0.58 30.11 -21.98
C LYS A 96 -1.44 28.88 -21.75
N PRO A 97 -1.10 27.99 -20.81
CA PRO A 97 -2.01 26.90 -20.44
C PRO A 97 -3.26 27.42 -19.76
N GLY A 98 -3.10 28.38 -18.85
CA GLY A 98 -4.21 28.98 -18.16
C GLY A 98 -3.89 30.34 -17.58
N LYS A 99 -4.80 30.88 -16.78
CA LYS A 99 -4.60 32.17 -16.11
C LYS A 99 -4.94 32.01 -14.63
N ARG A 100 -4.46 30.93 -14.03
CA ARG A 100 -4.68 30.64 -12.61
C ARG A 100 -3.59 31.26 -11.74
N GLN A 101 -3.36 32.55 -11.92
CA GLN A 101 -2.41 33.30 -11.13
C GLN A 101 -3.05 33.92 -9.89
N ARG A 102 -4.29 33.55 -9.59
CA ARG A 102 -4.96 34.08 -8.40
C ARG A 102 -4.35 33.56 -7.11
N MET A 103 -3.62 32.45 -7.15
CA MET A 103 -2.89 31.96 -5.99
C MET A 103 -1.46 32.46 -5.93
N CYS A 104 -0.97 33.11 -6.98
CA CYS A 104 0.41 33.57 -7.02
C CYS A 104 0.55 35.07 -7.23
N MET A 105 -0.23 35.67 -8.14
CA MET A 105 -0.03 37.07 -8.48
C MET A 105 -0.58 38.01 -7.41
N LYS A 106 -1.78 37.70 -6.89
CA LYS A 106 -2.34 38.51 -5.82
C LYS A 106 -1.60 38.29 -4.51
N LEU A 107 -1.14 37.06 -4.27
CA LEU A 107 -0.55 36.70 -2.98
C LEU A 107 0.82 37.34 -2.80
N GLU A 108 1.60 37.44 -3.87
CA GLU A 108 2.83 38.21 -3.81
C GLU A 108 2.53 39.71 -3.73
N SER A 109 1.45 40.14 -4.39
CA SER A 109 1.03 41.54 -4.31
C SER A 109 0.43 41.89 -2.96
N ASP A 110 0.09 40.89 -2.15
CA ASP A 110 -0.33 41.12 -0.78
C ASP A 110 0.82 41.69 0.05
N LYS A 111 0.46 42.33 1.16
CA LYS A 111 1.46 42.84 2.08
C LYS A 111 1.84 41.80 3.12
N THR A 112 2.21 40.61 2.63
CA THR A 112 2.68 39.54 3.50
C THR A 112 4.20 39.59 3.57
N PHE A 113 4.73 39.24 4.75
CA PHE A 113 6.14 39.41 4.96
C PHE A 113 6.66 38.28 5.83
N PRO A 114 7.84 37.75 5.54
CA PRO A 114 8.32 36.56 6.25
C PRO A 114 8.83 36.89 7.64
N ILE A 115 8.60 35.96 8.56
CA ILE A 115 9.30 35.97 9.85
C ILE A 115 10.51 35.07 9.68
N MET A 116 11.65 35.68 9.43
CA MET A 116 12.89 34.95 9.18
C MET A 116 13.70 34.91 10.47
N LEU A 117 13.74 33.75 11.10
CA LEU A 117 14.56 33.53 12.29
C LEU A 117 15.98 33.22 11.82
N ASN A 118 16.88 34.20 12.00
CA ASN A 118 18.26 34.16 11.50
C ASN A 118 18.30 33.91 10.00
N GLY A 119 17.38 34.56 9.28
CA GLY A 119 17.23 34.34 7.85
C GLY A 119 16.37 33.16 7.48
N GLN A 120 16.23 32.17 8.35
CA GLN A 120 15.46 30.98 8.04
C GLN A 120 13.98 31.29 8.13
N VAL A 121 13.28 31.13 7.01
CA VAL A 121 11.84 31.41 6.95
C VAL A 121 11.09 30.36 7.74
N ASN A 122 10.41 30.78 8.80
CA ASN A 122 9.61 29.87 9.61
C ASN A 122 8.13 30.24 9.60
N GLY A 123 7.72 31.10 8.68
CA GLY A 123 6.34 31.53 8.62
C GLY A 123 6.19 32.94 8.14
N TYR A 124 5.23 33.18 7.26
CA TYR A 124 4.98 34.53 6.77
C TYR A 124 4.03 35.25 7.73
N ALA A 125 4.08 36.58 7.70
CA ALA A 125 3.22 37.41 8.51
C ALA A 125 2.62 38.50 7.63
N CYS A 126 1.35 38.83 7.89
CA CYS A 126 0.63 39.72 7.00
C CYS A 126 -0.39 40.56 7.76
N VAL A 127 -0.59 41.78 7.28
CA VAL A 127 -1.64 42.67 7.75
C VAL A 127 -2.95 42.31 7.06
N VAL A 128 -3.98 42.04 7.84
CA VAL A 128 -5.26 41.57 7.32
C VAL A 128 -6.35 42.55 7.72
N GLY A 129 -6.80 43.38 6.78
CA GLY A 129 -8.00 44.21 6.93
C GLY A 129 -8.00 45.15 8.11
N GLY A 130 -6.82 45.64 8.51
CA GLY A 130 -6.67 46.24 9.81
C GLY A 130 -5.47 45.68 10.54
N ARG A 131 -5.70 44.99 11.64
CA ARG A 131 -4.64 44.46 12.49
C ARG A 131 -3.83 43.39 11.77
N VAL A 132 -2.56 43.26 12.18
CA VAL A 132 -1.64 42.30 11.61
C VAL A 132 -1.80 40.98 12.36
N PHE A 133 -1.64 39.87 11.65
CA PHE A 133 -1.70 38.56 12.25
C PHE A 133 -0.28 38.00 12.24
N LYS A 134 0.48 38.36 13.26
CA LYS A 134 1.80 37.77 13.38
C LYS A 134 1.68 36.41 14.03
N PRO A 135 2.27 35.38 13.43
CA PRO A 135 2.41 34.09 14.12
C PRO A 135 3.10 34.18 15.48
N LEU A 136 2.32 33.89 16.53
CA LEU A 136 2.87 33.91 17.88
C LEU A 136 3.80 32.73 18.13
N HIS A 137 3.55 31.61 17.44
CA HIS A 137 4.42 30.44 17.55
C HIS A 137 5.78 30.67 16.94
N VAL A 138 5.90 31.58 15.98
CA VAL A 138 7.08 31.74 15.16
C VAL A 138 7.90 32.92 15.68
N GLU A 139 9.20 32.69 15.87
CA GLU A 139 10.14 33.74 16.25
C GLU A 139 10.95 34.19 15.04
N GLY A 140 11.57 35.36 15.19
CA GLY A 140 12.33 35.99 14.14
C GLY A 140 11.80 37.37 13.81
N ARG A 141 12.49 38.03 12.89
CA ARG A 141 12.14 39.39 12.49
C ARG A 141 11.43 39.39 11.15
N ILE A 142 10.81 40.52 10.84
CA ILE A 142 9.91 40.67 9.71
C ILE A 142 10.49 41.74 8.79
N ASP A 143 10.22 41.61 7.48
CA ASP A 143 10.64 42.60 6.50
C ASP A 143 9.81 43.87 6.53
N ASN A 144 9.77 44.54 7.69
CA ASN A 144 9.07 45.80 7.88
C ASN A 144 9.54 46.43 9.18
N GLU A 145 10.09 47.65 9.12
CA GLU A 145 10.40 48.36 10.34
C GLU A 145 9.15 48.84 11.06
N GLN A 146 8.03 48.95 10.35
CA GLN A 146 6.74 49.20 10.96
C GLN A 146 6.10 47.93 11.53
N LEU A 147 6.78 46.79 11.44
CA LEU A 147 6.21 45.57 12.00
C LEU A 147 7.20 44.76 12.85
N ALA A 148 8.50 44.82 12.52
CA ALA A 148 9.46 43.94 13.21
C ALA A 148 9.90 44.49 14.55
N ALA A 149 10.05 45.81 14.67
CA ALA A 149 10.43 46.45 15.93
C ALA A 149 9.22 46.78 16.79
N ILE A 150 8.13 46.03 16.63
CA ILE A 150 6.80 46.41 17.07
C ILE A 150 6.27 45.31 17.98
N LYS A 151 6.13 45.61 19.27
CA LYS A 151 5.81 44.60 20.27
C LYS A 151 4.32 44.28 20.27
N LEU A 152 4.00 42.99 20.20
CA LEU A 152 2.63 42.52 20.08
C LEU A 152 2.37 41.48 21.15
N LYS A 153 1.21 41.58 21.80
CA LYS A 153 0.91 40.66 22.89
C LYS A 153 0.35 39.35 22.35
N LYS A 154 -0.06 38.49 23.26
CA LYS A 154 -0.25 37.06 22.97
C LYS A 154 -1.74 36.74 22.87
N ALA A 155 -2.15 36.27 21.69
CA ALA A 155 -3.42 35.56 21.55
C ALA A 155 -3.16 34.05 21.63
N SER A 156 -2.59 33.66 22.78
CA SER A 156 -2.16 32.27 22.99
C SER A 156 -3.33 31.30 23.09
N ILE A 157 -4.54 31.82 23.33
CA ILE A 157 -5.75 31.02 23.18
C ILE A 157 -5.98 30.63 21.72
N TYR A 158 -5.40 31.36 20.77
CA TYR A 158 -5.42 30.97 19.37
C TYR A 158 -4.05 30.77 18.75
N ASP A 159 -2.96 31.09 19.49
CA ASP A 159 -1.58 31.16 18.99
C ASP A 159 -1.47 32.19 17.85
N LEU A 160 -1.85 33.42 18.17
CA LEU A 160 -1.80 34.55 17.24
C LEU A 160 -1.21 35.78 17.92
N GLU A 161 -0.97 36.81 17.10
CA GLU A 161 -0.68 38.15 17.58
C GLU A 161 -1.51 39.16 16.79
N TYR A 162 -1.74 40.32 17.40
CA TYR A 162 -2.65 41.31 16.86
C TYR A 162 -1.92 42.52 16.29
N GLY A 163 -2.70 43.55 15.94
CA GLY A 163 -2.18 44.85 15.59
C GLY A 163 -2.93 45.98 16.33
N ASP A 164 -2.37 47.22 16.36
CA ASP A 164 -1.00 47.74 16.08
C ASP A 164 -0.45 47.54 14.65
N VAL A 165 -1.09 48.22 13.70
CA VAL A 165 -0.56 48.43 12.36
C VAL A 165 -0.46 49.92 12.14
N PRO A 166 0.69 50.45 11.75
CA PRO A 166 0.77 51.88 11.40
C PRO A 166 -0.03 52.19 10.14
N GLN A 167 -0.30 53.48 9.96
CA GLN A 167 -1.22 53.91 8.92
C GLN A 167 -0.69 53.66 7.52
N CYS A 168 0.63 53.56 7.37
CA CYS A 168 1.25 53.34 6.07
C CYS A 168 0.95 51.96 5.48
N MET A 169 0.42 51.03 6.28
CA MET A 169 -0.04 49.75 5.77
C MET A 169 -1.49 49.56 6.18
N LYS A 170 -2.28 50.60 5.94
CA LYS A 170 -3.69 50.61 6.25
C LYS A 170 -4.38 51.04 4.94
N SER A 171 -5.72 50.98 4.93
CA SER A 171 -6.72 51.34 3.90
C SER A 171 -6.94 50.41 2.72
N ASP A 172 -5.97 49.57 2.37
CA ASP A 172 -6.24 48.38 1.55
C ASP A 172 -5.09 47.40 1.79
N THR A 173 -5.34 46.45 2.69
CA THR A 173 -4.48 45.29 2.80
C THR A 173 -5.31 44.13 3.33
N LEU A 174 -5.59 43.20 2.42
CA LEU A 174 -6.15 41.89 2.73
C LEU A 174 -7.53 42.02 3.35
N GLN A 175 -8.44 42.62 2.57
CA GLN A 175 -9.86 42.57 2.87
C GLN A 175 -10.35 41.12 2.85
N TYR A 176 -11.55 40.91 3.36
CA TYR A 176 -11.99 39.55 3.63
C TYR A 176 -13.49 39.51 3.84
N THR A 177 -13.96 38.30 4.11
CA THR A 177 -15.24 38.03 4.71
C THR A 177 -15.01 37.08 5.88
N SER A 178 -16.06 36.86 6.67
CA SER A 178 -15.99 35.95 7.79
C SER A 178 -16.32 34.52 7.41
N ASP A 179 -17.28 34.33 6.51
CA ASP A 179 -17.70 33.00 6.12
C ASP A 179 -16.75 32.40 5.09
N LYS A 180 -17.05 31.16 4.71
CA LYS A 180 -16.43 30.56 3.55
C LYS A 180 -17.52 29.70 2.92
N PRO A 181 -17.70 29.80 1.61
CA PRO A 181 -18.46 28.77 0.90
C PRO A 181 -17.56 27.60 0.57
N PRO A 182 -18.11 26.45 0.22
CA PRO A 182 -17.25 25.34 -0.22
C PRO A 182 -16.61 25.61 -1.57
N GLY A 183 -15.60 26.46 -1.57
CA GLY A 183 -15.04 26.94 -2.82
C GLY A 183 -13.54 27.11 -2.80
N PHE A 184 -13.00 27.71 -3.86
CA PHE A 184 -11.57 27.76 -4.09
C PHE A 184 -10.99 29.04 -3.49
N TYR A 185 -10.28 28.88 -2.38
CA TYR A 185 -9.41 29.90 -1.81
C TYR A 185 -7.97 29.38 -1.91
N ASN A 186 -6.98 30.17 -1.49
CA ASN A 186 -5.62 29.89 -1.94
C ASN A 186 -4.57 30.32 -0.92
N TRP A 187 -3.31 30.05 -1.25
CA TRP A 187 -2.15 30.89 -0.88
C TRP A 187 -0.97 30.49 -1.76
N HIS A 188 0.23 30.91 -1.33
CA HIS A 188 1.54 30.56 -1.89
C HIS A 188 1.68 29.13 -2.38
N HIS A 189 1.35 28.16 -1.52
CA HIS A 189 1.55 26.76 -1.84
C HIS A 189 0.27 26.08 -2.32
N GLY A 190 -0.54 26.80 -3.07
CA GLY A 190 -1.66 26.20 -3.77
C GLY A 190 -2.99 26.71 -3.28
N ALA A 191 -4.04 26.06 -3.77
CA ALA A 191 -5.41 26.46 -3.51
C ALA A 191 -6.06 25.51 -2.51
N VAL A 192 -7.15 25.98 -1.90
CA VAL A 192 -7.87 25.20 -0.90
C VAL A 192 -9.36 25.16 -1.26
N GLN A 193 -9.96 24.00 -1.06
CA GLN A 193 -11.40 23.84 -1.07
C GLN A 193 -11.74 22.69 -0.13
N TYR A 194 -12.93 22.76 0.47
CA TYR A 194 -13.43 21.65 1.28
C TYR A 194 -14.95 21.69 1.26
N GLU A 195 -15.57 20.52 1.44
CA GLU A 195 -17.00 20.36 1.19
C GLU A 195 -17.86 21.02 2.26
N ASN A 196 -17.53 20.87 3.54
CA ASN A 196 -18.49 21.20 4.58
C ASN A 196 -18.05 22.33 5.52
N ASN A 197 -16.94 22.16 6.22
CA ASN A 197 -16.71 22.89 7.47
C ASN A 197 -15.30 23.44 7.56
N ARG A 198 -14.41 22.97 6.71
CA ARG A 198 -12.98 22.95 7.02
C ARG A 198 -12.24 23.40 5.77
N PHE A 199 -10.96 23.08 5.73
CA PHE A 199 -10.08 23.48 4.64
C PHE A 199 -9.13 22.34 4.35
N THR A 200 -9.02 21.94 3.09
CA THR A 200 -8.01 20.96 2.73
C THR A 200 -7.37 21.31 1.38
N VAL A 201 -6.06 21.12 1.33
CA VAL A 201 -5.25 21.33 0.13
C VAL A 201 -4.71 19.97 -0.27
N PRO A 202 -4.19 19.78 -1.48
CA PRO A 202 -3.52 18.51 -1.80
C PRO A 202 -2.26 18.30 -0.99
N ARG A 203 -1.79 17.05 -1.03
CA ARG A 203 -0.63 16.64 -0.24
C ARG A 203 0.64 17.27 -0.79
N GLY A 204 1.54 17.64 0.11
CA GLY A 204 2.80 18.25 -0.27
C GLY A 204 2.82 19.75 -0.10
N VAL A 205 1.94 20.31 0.72
CA VAL A 205 1.83 21.76 0.82
C VAL A 205 2.93 22.35 1.70
N GLY A 206 3.39 21.60 2.71
CA GLY A 206 4.26 22.15 3.72
C GLY A 206 3.48 22.94 4.76
N GLY A 207 3.69 22.63 6.02
CA GLY A 207 3.13 23.44 7.09
C GLY A 207 4.25 24.11 7.82
N LYS A 208 5.43 23.51 7.73
CA LYS A 208 6.65 24.06 8.30
C LYS A 208 7.19 25.15 7.39
N GLY A 209 7.59 26.27 7.98
CA GLY A 209 8.23 27.34 7.25
C GLY A 209 7.30 28.33 6.58
N ASP A 210 6.09 27.92 6.20
CA ASP A 210 5.22 28.77 5.41
C ASP A 210 4.05 29.34 6.20
N SER A 211 3.57 28.63 7.23
CA SER A 211 2.28 28.88 7.84
C SER A 211 2.20 30.25 8.50
N GLY A 212 1.05 30.89 8.36
CA GLY A 212 0.94 32.33 8.53
C GLY A 212 0.52 32.92 7.19
N ARG A 213 -0.25 32.13 6.43
CA ARG A 213 -0.67 32.46 5.08
C ARG A 213 -2.14 32.82 5.06
N PRO A 214 -2.50 33.98 4.51
CA PRO A 214 -3.91 34.34 4.39
C PRO A 214 -4.58 33.61 3.24
N ILE A 215 -5.89 33.43 3.37
CA ILE A 215 -6.58 32.50 2.49
C ILE A 215 -7.50 33.26 1.54
N LEU A 216 -6.97 33.70 0.41
CA LEU A 216 -7.64 34.74 -0.38
C LEU A 216 -8.58 34.15 -1.44
N ASP A 217 -9.53 34.97 -1.87
CA ASP A 217 -10.47 34.65 -2.93
C ASP A 217 -9.76 34.78 -4.28
N ASN A 218 -10.43 34.30 -5.34
CA ASN A 218 -10.12 34.78 -6.68
C ASN A 218 -10.35 36.29 -6.78
N LYS A 219 -11.33 36.81 -6.02
CA LYS A 219 -11.43 38.24 -5.80
C LYS A 219 -10.23 38.78 -5.03
N GLY A 220 -9.64 37.98 -4.16
CA GLY A 220 -8.54 38.40 -3.32
C GLY A 220 -8.91 38.66 -1.87
N ARG A 221 -9.84 37.88 -1.31
CA ARG A 221 -10.45 38.17 -0.02
C ARG A 221 -10.20 37.00 0.92
N VAL A 222 -9.62 37.31 2.08
CA VAL A 222 -9.19 36.32 3.06
C VAL A 222 -10.42 35.61 3.65
N VAL A 223 -10.25 34.37 4.14
CA VAL A 223 -11.29 33.75 4.95
C VAL A 223 -10.69 33.18 6.22
N ALA A 224 -9.36 33.05 6.25
CA ALA A 224 -8.67 32.38 7.35
C ALA A 224 -7.19 32.73 7.27
N ILE A 225 -6.41 32.22 8.22
CA ILE A 225 -4.95 32.11 8.05
C ILE A 225 -4.52 30.75 8.57
N VAL A 226 -3.70 30.05 7.75
CA VAL A 226 -3.12 28.72 7.97
C VAL A 226 -2.56 28.50 9.36
N LEU A 227 -3.01 27.44 10.02
CA LEU A 227 -2.32 26.92 11.20
C LEU A 227 -1.55 25.63 10.87
N GLY A 228 -1.78 25.04 9.72
CA GLY A 228 -1.04 23.84 9.36
C GLY A 228 -1.95 22.68 9.00
N GLY A 229 -2.00 21.66 9.85
CA GLY A 229 -2.83 20.51 9.57
C GLY A 229 -2.08 19.47 8.76
N VAL A 230 -2.24 18.21 9.13
CA VAL A 230 -1.39 17.13 8.63
C VAL A 230 -1.82 16.74 7.22
N ASN A 231 -0.84 16.29 6.42
CA ASN A 231 -1.10 15.51 5.21
C ASN A 231 -2.01 14.34 5.57
N GLU A 232 -3.08 14.17 4.79
CA GLU A 232 -4.04 13.10 5.05
C GLU A 232 -4.31 12.33 3.76
N GLY A 233 -3.45 11.35 3.46
CA GLY A 233 -3.63 10.53 2.28
C GLY A 233 -3.48 11.30 1.00
N SER A 234 -4.60 11.54 0.32
CA SER A 234 -4.57 12.30 -0.93
C SER A 234 -4.36 13.79 -0.67
N ARG A 235 -5.08 14.35 0.29
CA ARG A 235 -5.11 15.79 0.51
C ARG A 235 -4.61 16.14 1.90
N THR A 236 -3.89 17.24 2.01
CA THR A 236 -3.51 17.78 3.31
C THR A 236 -4.69 18.56 3.87
N ALA A 237 -5.34 18.02 4.89
CA ALA A 237 -6.34 18.81 5.60
C ALA A 237 -5.64 19.90 6.39
N LEU A 238 -6.33 21.01 6.57
CA LEU A 238 -5.70 22.18 7.16
C LEU A 238 -6.27 22.49 8.53
N SER A 239 -5.41 22.97 9.40
CA SER A 239 -5.86 23.81 10.50
C SER A 239 -5.65 25.25 10.12
N VAL A 240 -6.56 26.11 10.55
CA VAL A 240 -6.46 27.55 10.34
C VAL A 240 -6.90 28.24 11.62
N VAL A 241 -6.69 29.55 11.65
CA VAL A 241 -7.50 30.46 12.44
C VAL A 241 -8.40 31.18 11.46
N THR A 242 -9.67 31.36 11.83
CA THR A 242 -10.65 31.83 10.86
C THR A 242 -11.71 32.63 11.60
N TRP A 243 -12.86 32.83 10.97
CA TRP A 243 -13.95 33.56 11.58
C TRP A 243 -15.23 32.76 11.56
N ASN A 244 -16.06 33.00 12.57
CA ASN A 244 -17.40 32.45 12.65
C ASN A 244 -18.28 33.06 11.55
N GLN A 245 -19.40 32.40 11.29
CA GLN A 245 -20.48 33.03 10.53
C GLN A 245 -21.01 34.27 11.24
N LYS A 246 -20.90 34.31 12.57
CA LYS A 246 -21.14 35.52 13.35
C LYS A 246 -19.93 36.45 13.39
N GLY A 247 -18.88 36.17 12.60
CA GLY A 247 -17.71 37.01 12.53
C GLY A 247 -16.72 36.82 13.67
N VAL A 248 -17.02 35.93 14.61
CA VAL A 248 -16.15 35.70 15.76
C VAL A 248 -14.90 34.96 15.31
N THR A 249 -13.73 35.50 15.67
CA THR A 249 -12.46 34.89 15.29
C THR A 249 -12.29 33.55 16.00
N VAL A 250 -12.27 32.47 15.22
CA VAL A 250 -12.19 31.11 15.74
C VAL A 250 -11.05 30.38 15.06
N LYS A 251 -10.77 29.17 15.53
CA LYS A 251 -9.80 28.31 14.89
C LYS A 251 -10.45 26.99 14.51
N ASP A 252 -10.23 26.58 13.26
CA ASP A 252 -10.56 25.24 12.80
C ASP A 252 -9.29 24.40 12.89
N THR A 253 -9.38 23.23 13.51
CA THR A 253 -8.17 22.46 13.77
C THR A 253 -8.46 20.97 13.83
N PRO A 254 -7.88 20.16 12.93
CA PRO A 254 -7.95 18.71 13.08
C PRO A 254 -7.01 18.24 14.16
N GLU A 255 -7.17 16.96 14.51
CA GLU A 255 -6.38 16.35 15.58
C GLU A 255 -4.94 16.17 15.13
N GLY A 256 -4.02 16.86 15.81
CA GLY A 256 -2.62 16.79 15.44
C GLY A 256 -2.28 17.63 14.23
N SER A 257 -2.47 18.95 14.35
CA SER A 257 -2.11 19.84 13.25
C SER A 257 -0.59 20.00 13.15
N GLU A 258 -0.16 20.57 12.04
CA GLU A 258 1.26 20.73 11.80
C GLU A 258 1.78 22.03 12.41
N PRO A 259 3.00 22.02 12.94
CA PRO A 259 3.61 23.27 13.41
C PRO A 259 4.08 24.14 12.26
N TRP A 260 4.71 25.26 12.58
CA TRP A 260 4.85 26.34 11.61
C TRP A 260 6.28 26.52 11.14
N LYS B 90 10.99 8.00 -20.75
CA LYS B 90 10.91 7.00 -21.81
C LYS B 90 11.85 7.35 -22.96
N GLN B 91 12.88 8.13 -22.66
CA GLN B 91 13.85 8.54 -23.68
C GLN B 91 14.73 7.36 -24.07
N LYS B 92 14.72 6.99 -25.35
CA LYS B 92 15.51 5.89 -25.86
C LYS B 92 16.46 6.44 -26.94
N ARG B 93 17.57 7.00 -26.48
CA ARG B 93 18.68 7.41 -27.33
C ARG B 93 19.74 6.32 -27.32
N LYS B 94 20.95 6.61 -27.81
CA LYS B 94 22.01 5.61 -27.74
C LYS B 94 23.22 6.11 -26.94
N PRO B 95 23.07 6.31 -25.61
CA PRO B 95 24.18 6.81 -24.80
C PRO B 95 25.06 5.67 -24.32
N LYS B 96 25.96 5.97 -23.38
CA LYS B 96 26.66 4.93 -22.63
C LYS B 96 25.77 4.42 -21.50
N PRO B 97 25.43 3.13 -21.47
CA PRO B 97 24.81 2.54 -20.27
C PRO B 97 25.85 2.21 -19.20
N GLY B 98 25.43 1.52 -18.14
CA GLY B 98 26.26 1.26 -16.99
C GLY B 98 25.57 1.45 -15.65
N LYS B 99 24.23 1.53 -15.68
CA LYS B 99 23.26 1.57 -14.59
C LYS B 99 23.20 2.90 -13.85
N ARG B 100 24.19 3.78 -14.08
CA ARG B 100 24.21 5.19 -13.68
C ARG B 100 23.76 5.50 -12.25
N GLN B 101 24.54 5.12 -11.23
CA GLN B 101 25.94 4.72 -11.37
C GLN B 101 26.27 3.42 -10.64
N ARG B 102 26.16 2.30 -11.36
CA ARG B 102 26.61 0.97 -10.94
C ARG B 102 25.93 0.49 -9.65
N MET B 103 24.71 0.96 -9.41
CA MET B 103 23.91 0.53 -8.27
C MET B 103 22.52 0.04 -8.65
N CYS B 104 22.03 0.37 -9.85
CA CYS B 104 20.61 0.27 -10.15
C CYS B 104 20.14 -1.17 -10.26
N MET B 105 21.01 -2.05 -10.74
CA MET B 105 20.76 -3.48 -10.59
C MET B 105 21.60 -4.05 -9.46
N LYS B 106 22.75 -3.44 -9.19
CA LYS B 106 23.75 -4.02 -8.29
C LYS B 106 23.28 -4.03 -6.84
N LEU B 107 22.65 -2.95 -6.37
CA LEU B 107 21.94 -3.05 -5.10
C LEU B 107 20.68 -3.90 -5.25
N GLU B 108 19.98 -3.73 -6.38
CA GLU B 108 18.66 -4.35 -6.53
C GLU B 108 18.75 -5.87 -6.64
N SER B 109 19.83 -6.39 -7.24
CA SER B 109 20.05 -7.83 -7.23
C SER B 109 20.46 -8.34 -5.85
N ASP B 110 21.03 -7.49 -5.01
CA ASP B 110 21.44 -7.93 -3.68
C ASP B 110 20.23 -8.15 -2.80
N LYS B 111 20.39 -9.10 -1.87
CA LYS B 111 19.28 -9.61 -1.09
C LYS B 111 19.22 -8.84 0.22
N THR B 112 18.76 -7.60 0.12
CA THR B 112 18.47 -6.79 1.30
C THR B 112 16.95 -6.63 1.38
N PHE B 113 16.37 -7.07 2.49
CA PHE B 113 14.93 -7.31 2.54
C PHE B 113 14.26 -6.48 3.62
N PRO B 114 13.56 -5.42 3.29
CA PRO B 114 12.73 -4.72 4.28
C PRO B 114 11.28 -5.19 4.32
N ILE B 115 10.77 -5.34 5.54
CA ILE B 115 9.33 -5.36 5.82
C ILE B 115 9.11 -4.53 7.07
N MET B 116 8.26 -3.51 6.99
CA MET B 116 7.85 -2.77 8.17
C MET B 116 6.56 -3.38 8.72
N LEU B 117 6.23 -3.02 9.96
CA LEU B 117 4.87 -3.20 10.47
C LEU B 117 3.82 -2.54 9.59
N ASN B 118 4.17 -1.41 8.98
CA ASN B 118 3.33 -0.82 7.94
C ASN B 118 3.56 -1.42 6.56
N GLY B 119 4.26 -2.55 6.47
CA GLY B 119 4.41 -3.26 5.21
C GLY B 119 5.27 -2.55 4.20
N GLN B 120 6.30 -1.85 4.65
CA GLN B 120 7.11 -1.01 3.77
C GLN B 120 8.56 -1.09 4.25
N VAL B 121 9.37 -0.15 3.81
CA VAL B 121 10.73 -0.02 4.31
C VAL B 121 10.70 0.68 5.66
N ASN B 122 11.60 0.27 6.55
CA ASN B 122 11.94 1.08 7.72
C ASN B 122 13.43 1.08 8.01
N GLY B 123 14.18 0.18 7.41
CA GLY B 123 15.51 -0.20 7.81
C GLY B 123 15.71 -1.58 7.23
N TYR B 124 16.90 -1.85 6.69
CA TYR B 124 17.06 -2.99 5.80
C TYR B 124 17.83 -4.09 6.48
N ALA B 125 17.29 -5.30 6.45
CA ALA B 125 18.02 -6.50 6.82
C ALA B 125 18.70 -7.02 5.56
N CYS B 126 20.03 -6.99 5.54
CA CYS B 126 20.78 -7.50 4.42
C CYS B 126 21.62 -8.69 4.86
N VAL B 127 21.56 -9.75 4.07
CA VAL B 127 22.40 -10.91 4.31
C VAL B 127 23.85 -10.55 3.96
N VAL B 128 24.77 -10.82 4.88
CA VAL B 128 26.16 -10.40 4.74
C VAL B 128 27.02 -11.61 5.09
N GLY B 129 27.59 -12.25 4.08
CA GLY B 129 28.45 -13.39 4.34
C GLY B 129 27.67 -14.60 4.81
N GLY B 130 27.74 -14.89 6.10
CA GLY B 130 26.94 -15.96 6.67
C GLY B 130 25.77 -15.47 7.49
N ARG B 131 25.72 -14.17 7.77
CA ARG B 131 24.73 -13.63 8.69
C ARG B 131 23.99 -12.45 8.08
N VAL B 132 22.79 -12.21 8.59
CA VAL B 132 21.94 -11.11 8.15
C VAL B 132 21.96 -10.04 9.23
N PHE B 133 21.92 -8.78 8.82
CA PHE B 133 22.02 -7.66 9.75
C PHE B 133 20.69 -6.93 9.78
N LYS B 134 19.77 -7.42 10.60
CA LYS B 134 18.52 -6.71 10.77
C LYS B 134 18.73 -5.49 11.68
N PRO B 135 18.12 -4.36 11.34
CA PRO B 135 18.20 -3.18 12.22
C PRO B 135 17.59 -3.43 13.59
N LEU B 136 18.35 -3.05 14.62
CA LEU B 136 17.88 -3.20 15.98
C LEU B 136 16.82 -2.15 16.33
N HIS B 137 16.98 -0.93 15.84
CA HIS B 137 16.19 0.20 16.30
C HIS B 137 15.05 0.56 15.36
N VAL B 138 14.52 -0.42 14.63
CA VAL B 138 13.22 -0.31 13.98
C VAL B 138 12.42 -1.54 14.36
N GLU B 139 11.17 -1.56 13.92
CA GLU B 139 10.27 -2.68 14.18
C GLU B 139 9.73 -3.18 12.85
N GLY B 140 9.89 -4.47 12.61
CA GLY B 140 9.47 -5.08 11.36
C GLY B 140 10.22 -6.37 11.12
N ARG B 141 9.95 -6.95 9.97
CA ARG B 141 10.55 -8.24 9.65
C ARG B 141 11.22 -8.23 8.28
N ILE B 142 11.52 -9.42 7.78
CA ILE B 142 12.32 -9.62 6.58
C ILE B 142 11.43 -10.16 5.47
N ASP B 143 11.69 -9.75 4.23
CA ASP B 143 10.98 -10.26 3.05
C ASP B 143 11.53 -11.62 2.62
N ASN B 144 11.52 -12.56 3.57
CA ASN B 144 11.85 -13.96 3.36
C ASN B 144 11.37 -14.76 4.55
N GLU B 145 10.70 -15.88 4.28
CA GLU B 145 10.17 -16.71 5.35
C GLU B 145 11.28 -17.43 6.10
N GLN B 146 12.34 -17.82 5.38
CA GLN B 146 13.47 -18.46 6.05
C GLN B 146 14.42 -17.48 6.71
N LEU B 147 14.27 -16.18 6.45
CA LEU B 147 15.10 -15.19 7.11
C LEU B 147 14.38 -14.45 8.22
N ALA B 148 13.09 -14.15 8.04
CA ALA B 148 12.36 -13.46 9.09
C ALA B 148 12.06 -14.38 10.28
N ALA B 149 12.01 -15.69 10.05
CA ALA B 149 11.76 -16.62 11.14
C ALA B 149 13.01 -16.95 11.95
N ILE B 150 14.17 -16.43 11.55
CA ILE B 150 15.39 -16.60 12.33
C ILE B 150 15.26 -15.81 13.63
N LYS B 151 15.76 -16.38 14.71
CA LYS B 151 16.00 -15.61 15.93
C LYS B 151 17.34 -14.91 15.82
N LEU B 152 17.37 -13.61 16.10
CA LEU B 152 18.57 -12.80 15.91
C LEU B 152 19.06 -12.25 17.24
N LYS B 153 20.38 -12.22 17.40
CA LYS B 153 20.99 -11.85 18.66
C LYS B 153 21.20 -10.34 18.74
N LYS B 154 21.16 -9.83 19.97
CA LYS B 154 21.17 -8.39 20.22
C LYS B 154 22.55 -7.82 19.99
N ALA B 155 22.71 -7.12 18.87
CA ALA B 155 23.93 -6.34 18.64
C ALA B 155 23.66 -4.87 18.98
N SER B 156 23.43 -4.64 20.28
CA SER B 156 23.40 -3.28 20.81
C SER B 156 24.77 -2.65 20.79
N ILE B 157 25.81 -3.48 20.71
CA ILE B 157 27.15 -3.07 20.30
C ILE B 157 27.15 -2.41 18.92
N TYR B 158 26.18 -2.74 18.07
CA TYR B 158 26.20 -2.40 16.66
C TYR B 158 24.97 -1.65 16.19
N ASP B 159 23.93 -1.53 17.03
CA ASP B 159 22.60 -1.02 16.68
C ASP B 159 21.96 -1.82 15.53
N LEU B 160 22.34 -3.09 15.39
CA LEU B 160 21.65 -4.00 14.49
C LEU B 160 21.33 -5.29 15.22
N GLU B 161 20.88 -6.31 14.50
CA GLU B 161 20.79 -7.66 15.03
C GLU B 161 21.35 -8.62 14.00
N TYR B 162 22.16 -9.57 14.47
CA TYR B 162 22.77 -10.57 13.62
C TYR B 162 22.12 -11.92 13.88
N GLY B 163 22.04 -12.73 12.85
CA GLY B 163 21.44 -14.05 13.00
C GLY B 163 21.79 -14.96 11.86
N ASP B 164 21.23 -16.16 11.93
CA ASP B 164 21.46 -17.20 10.93
C ASP B 164 20.88 -16.80 9.58
N VAL B 165 21.55 -17.25 8.53
CA VAL B 165 21.06 -17.21 7.17
C VAL B 165 21.04 -18.64 6.67
N PRO B 166 19.90 -19.17 6.21
CA PRO B 166 19.90 -20.52 5.66
C PRO B 166 20.70 -20.62 4.38
N GLN B 167 21.03 -21.87 4.01
CA GLN B 167 21.85 -22.11 2.83
C GLN B 167 21.11 -21.70 1.56
N CYS B 168 19.78 -21.71 1.58
CA CYS B 168 18.98 -21.25 0.45
C CYS B 168 19.09 -19.76 0.19
N MET B 169 19.75 -19.02 1.08
CA MET B 169 20.17 -17.66 0.85
C MET B 169 21.70 -17.49 0.94
N LYS B 170 22.41 -18.44 1.56
CA LYS B 170 23.77 -18.18 2.03
C LYS B 170 24.79 -18.05 0.88
N SER B 171 24.57 -18.73 -0.24
CA SER B 171 25.46 -18.53 -1.38
C SER B 171 25.30 -17.14 -1.97
N ASP B 172 24.06 -16.68 -2.10
CA ASP B 172 23.77 -15.38 -2.71
C ASP B 172 23.71 -14.27 -1.67
N THR B 173 24.45 -14.40 -0.58
CA THR B 173 24.60 -13.28 0.32
C THR B 173 25.50 -12.22 -0.28
N LEU B 174 25.57 -11.09 0.41
CA LEU B 174 26.37 -9.99 -0.07
C LEU B 174 27.83 -10.24 0.32
N GLN B 175 28.63 -10.58 -0.69
CA GLN B 175 30.07 -10.70 -0.47
C GLN B 175 30.66 -9.32 -0.17
N TYR B 176 31.58 -9.29 0.78
CA TYR B 176 32.04 -8.09 1.43
C TYR B 176 33.40 -7.67 0.89
N THR B 177 33.86 -6.51 1.35
CA THR B 177 35.28 -6.22 1.38
C THR B 177 35.59 -5.53 2.70
N SER B 178 36.87 -5.54 3.07
CA SER B 178 37.33 -4.94 4.31
C SER B 178 37.93 -3.57 4.11
N ASP B 179 38.64 -3.35 3.01
CA ASP B 179 39.31 -2.09 2.80
C ASP B 179 38.30 -1.00 2.42
N LYS B 180 38.77 0.25 2.47
CA LYS B 180 37.98 1.37 1.98
C LYS B 180 38.92 2.49 1.52
N PRO B 181 39.34 2.45 0.26
CA PRO B 181 40.03 3.60 -0.31
C PRO B 181 39.09 4.77 -0.52
N PRO B 182 39.61 5.99 -0.59
CA PRO B 182 38.75 7.15 -0.93
C PRO B 182 38.27 7.05 -2.37
N GLY B 183 36.95 6.98 -2.54
CA GLY B 183 36.38 6.84 -3.86
C GLY B 183 34.88 6.81 -3.78
N PHE B 184 34.26 6.92 -4.95
CA PHE B 184 32.81 6.89 -5.07
C PHE B 184 32.31 5.47 -4.91
N TYR B 185 31.42 5.25 -3.96
CA TYR B 185 30.83 3.93 -3.76
C TYR B 185 29.35 3.96 -4.08
N ASN B 186 28.77 2.77 -4.11
CA ASN B 186 27.38 2.66 -4.55
C ASN B 186 26.42 2.91 -3.41
N TRP B 187 25.34 3.60 -3.74
CA TRP B 187 24.23 3.84 -2.84
C TRP B 187 22.99 3.88 -3.73
N HIS B 188 21.90 3.26 -3.28
CA HIS B 188 20.78 3.18 -4.20
C HIS B 188 20.01 4.50 -4.33
N HIS B 189 20.23 5.43 -3.42
CA HIS B 189 19.69 6.78 -3.58
C HIS B 189 20.73 7.79 -4.05
N GLY B 190 21.98 7.38 -4.22
CA GLY B 190 23.04 8.32 -4.50
C GLY B 190 24.41 7.68 -4.57
N ALA B 191 25.38 8.25 -3.84
CA ALA B 191 26.72 7.70 -3.76
C ALA B 191 27.39 8.27 -2.53
N VAL B 192 28.19 7.46 -1.86
CA VAL B 192 29.11 8.03 -0.90
C VAL B 192 30.44 8.22 -1.60
N GLN B 193 31.13 9.29 -1.22
CA GLN B 193 32.56 9.41 -1.45
C GLN B 193 33.23 9.16 -0.11
N TYR B 194 34.21 8.26 -0.09
CA TYR B 194 34.84 7.88 1.16
C TYR B 194 35.77 8.99 1.64
N GLU B 195 35.65 9.35 2.92
CA GLU B 195 36.43 10.45 3.49
C GLU B 195 36.46 10.30 5.00
N ASN B 196 37.66 10.08 5.54
CA ASN B 196 37.96 10.16 6.99
C ASN B 196 37.12 9.19 7.80
N ASN B 197 37.11 7.93 7.36
CA ASN B 197 36.33 6.82 7.92
C ASN B 197 34.83 7.08 7.93
N ARG B 198 34.34 8.00 7.09
CA ARG B 198 32.93 8.39 7.10
C ARG B 198 32.41 8.36 5.67
N PHE B 199 31.30 7.67 5.47
CA PHE B 199 30.71 7.50 4.15
C PHE B 199 29.57 8.51 3.97
N THR B 200 29.68 9.33 2.93
CA THR B 200 28.93 10.58 2.81
C THR B 200 28.07 10.61 1.55
N VAL B 201 26.78 10.34 1.67
CA VAL B 201 25.83 10.67 0.59
C VAL B 201 25.59 12.17 0.62
N PRO B 202 25.04 12.79 -0.44
CA PRO B 202 24.59 14.19 -0.33
C PRO B 202 23.41 14.40 0.63
N ARG B 203 22.96 15.64 0.78
CA ARG B 203 21.95 15.93 1.80
C ARG B 203 20.59 15.37 1.42
N GLY B 204 19.95 14.70 2.38
CA GLY B 204 18.60 14.21 2.18
C GLY B 204 18.53 12.99 1.31
N VAL B 205 19.63 12.28 1.14
CA VAL B 205 19.74 11.19 0.18
C VAL B 205 19.43 9.87 0.86
N GLY B 206 20.14 9.56 1.95
CA GLY B 206 19.86 8.36 2.70
C GLY B 206 19.62 8.65 4.16
N GLY B 207 20.18 7.83 5.04
CA GLY B 207 20.13 8.09 6.47
C GLY B 207 18.80 7.76 7.11
N LYS B 208 17.78 8.56 6.84
CA LYS B 208 16.50 8.44 7.53
C LYS B 208 15.56 7.53 6.74
N GLY B 209 14.96 6.56 7.44
CA GLY B 209 13.94 5.69 6.85
C GLY B 209 14.43 4.74 5.79
N ASP B 210 15.74 4.66 5.56
CA ASP B 210 16.30 3.92 4.44
C ASP B 210 17.48 3.04 4.82
N SER B 211 18.15 3.32 5.94
CA SER B 211 19.47 2.82 6.26
C SER B 211 19.45 1.30 6.50
N GLY B 212 20.66 0.73 6.58
CA GLY B 212 20.84 -0.69 6.41
C GLY B 212 20.95 -1.10 4.97
N ARG B 213 20.56 -0.22 4.06
CA ARG B 213 21.00 -0.25 2.68
C ARG B 213 22.52 -0.34 2.67
N PRO B 214 23.10 -1.38 2.11
CA PRO B 214 24.55 -1.53 2.14
C PRO B 214 25.22 -0.51 1.24
N ILE B 215 26.49 -0.27 1.52
CA ILE B 215 27.32 0.59 0.70
C ILE B 215 28.22 -0.31 -0.12
N LEU B 216 28.03 -0.30 -1.43
CA LEU B 216 28.71 -1.25 -2.29
C LEU B 216 29.89 -0.60 -3.00
N ASP B 217 30.94 -1.39 -3.13
CA ASP B 217 32.03 -1.05 -4.03
C ASP B 217 31.52 -1.02 -5.47
N ASN B 218 32.18 -0.21 -6.30
CA ASN B 218 31.95 -0.30 -7.73
C ASN B 218 32.45 -1.62 -8.30
N LYS B 219 33.44 -2.24 -7.65
CA LYS B 219 33.80 -3.61 -7.95
C LYS B 219 32.75 -4.61 -7.44
N GLY B 220 31.92 -4.21 -6.49
CA GLY B 220 30.75 -4.99 -6.15
C GLY B 220 30.74 -5.63 -4.79
N ARG B 221 31.36 -4.98 -3.81
CA ARG B 221 31.51 -5.52 -2.47
C ARG B 221 30.99 -4.53 -1.45
N VAL B 222 30.39 -5.03 -0.38
CA VAL B 222 29.95 -4.12 0.67
C VAL B 222 31.14 -3.74 1.54
N VAL B 223 31.22 -2.47 1.87
CA VAL B 223 32.18 -2.02 2.86
C VAL B 223 31.55 -1.98 4.25
N ALA B 224 30.24 -1.73 4.33
CA ALA B 224 29.67 -1.19 5.55
C ALA B 224 28.15 -1.20 5.47
N ILE B 225 27.51 -1.27 6.64
CA ILE B 225 26.06 -1.27 6.77
C ILE B 225 25.65 -0.05 7.57
N VAL B 226 24.77 0.75 7.01
CA VAL B 226 24.42 2.06 7.53
C VAL B 226 23.42 1.91 8.67
N LEU B 227 23.54 2.77 9.68
CA LEU B 227 22.63 2.79 10.82
C LEU B 227 21.64 3.92 10.81
N GLY B 228 21.87 4.98 10.03
CA GLY B 228 21.01 6.14 10.06
C GLY B 228 21.81 7.41 10.23
N GLY B 229 21.27 8.52 9.71
CA GLY B 229 21.94 9.80 9.76
C GLY B 229 23.18 9.82 8.86
N VAL B 230 23.97 10.89 8.99
CA VAL B 230 23.65 12.09 9.74
C VAL B 230 23.88 13.29 8.82
N ASN B 231 22.99 14.28 8.90
CA ASN B 231 23.04 15.44 8.01
C ASN B 231 24.32 16.22 8.23
N GLU B 232 25.13 16.31 7.19
CA GLU B 232 26.37 17.05 7.23
C GLU B 232 26.26 18.26 6.31
N GLY B 233 25.05 18.81 6.22
CA GLY B 233 24.88 20.10 5.58
C GLY B 233 24.82 20.01 4.08
N SER B 234 25.97 20.27 3.46
CA SER B 234 26.10 20.06 2.02
C SER B 234 25.89 18.60 1.65
N ARG B 235 26.32 17.68 2.50
CA ARG B 235 26.14 16.25 2.26
C ARG B 235 25.58 15.58 3.51
N THR B 236 25.63 14.25 3.58
CA THR B 236 25.11 13.50 4.72
C THR B 236 25.99 12.28 4.95
N ALA B 237 26.74 12.28 6.05
CA ALA B 237 27.61 11.15 6.37
C ALA B 237 26.80 10.03 7.00
N LEU B 238 27.00 8.83 6.49
CA LEU B 238 26.25 7.68 6.98
C LEU B 238 26.96 7.06 8.18
N SER B 239 26.21 6.79 9.24
CA SER B 239 26.73 6.05 10.38
C SER B 239 26.72 4.57 10.06
N VAL B 240 27.90 3.98 9.92
CA VAL B 240 28.04 2.70 9.25
C VAL B 240 28.65 1.68 10.21
N VAL B 241 28.56 0.42 9.82
CA VAL B 241 29.19 -0.68 10.56
C VAL B 241 30.05 -1.45 9.56
N THR B 242 31.36 -1.33 9.71
CA THR B 242 32.30 -1.83 8.72
C THR B 242 33.33 -2.76 9.37
N TRP B 243 34.17 -3.33 8.52
CA TRP B 243 35.36 -4.04 8.99
C TRP B 243 36.54 -3.09 9.01
N ASN B 244 37.50 -3.38 9.89
CA ASN B 244 38.67 -2.53 10.01
C ASN B 244 39.82 -3.11 9.20
N GLN B 245 41.02 -2.55 9.40
CA GLN B 245 42.20 -2.97 8.69
C GLN B 245 42.64 -4.38 9.09
N LYS B 246 42.37 -4.76 10.34
CA LYS B 246 42.54 -6.13 10.77
C LYS B 246 41.27 -6.96 10.54
N GLY B 247 40.31 -6.42 9.81
CA GLY B 247 39.11 -7.16 9.45
C GLY B 247 38.16 -7.43 10.60
N VAL B 248 37.90 -6.44 11.43
CA VAL B 248 37.04 -6.61 12.60
C VAL B 248 35.78 -5.78 12.39
N THR B 249 34.63 -6.45 12.44
CA THR B 249 33.32 -5.81 12.28
C THR B 249 33.09 -4.84 13.43
N VAL B 250 33.17 -3.54 13.14
CA VAL B 250 33.18 -2.49 14.15
C VAL B 250 32.23 -1.37 13.70
N LYS B 251 31.29 -1.03 14.58
CA LYS B 251 30.37 0.08 14.34
C LYS B 251 31.10 1.41 14.34
N ASP B 252 30.83 2.22 13.31
CA ASP B 252 31.23 3.63 13.30
C ASP B 252 30.01 4.48 13.57
N THR B 253 30.22 5.59 14.28
CA THR B 253 29.15 6.52 14.61
C THR B 253 29.69 7.94 14.56
N PRO B 254 29.43 8.67 13.49
CA PRO B 254 29.55 10.13 13.55
C PRO B 254 28.57 10.67 14.58
N GLU B 255 28.99 11.73 15.27
CA GLU B 255 28.30 12.17 16.48
C GLU B 255 26.94 12.76 16.16
N GLY B 256 25.94 12.36 16.93
CA GLY B 256 24.59 12.87 16.75
C GLY B 256 23.82 12.24 15.62
N SER B 257 24.09 10.98 15.31
CA SER B 257 23.49 10.35 14.15
C SER B 257 22.03 10.00 14.40
N GLU B 258 21.29 9.83 13.29
CA GLU B 258 19.86 9.58 13.38
C GLU B 258 19.58 8.10 13.58
N PRO B 259 18.53 7.78 14.33
CA PRO B 259 18.09 6.38 14.45
C PRO B 259 17.34 5.90 13.21
N TRP B 260 18.08 5.45 12.21
CA TRP B 260 17.58 4.76 11.00
C TRP B 260 16.65 5.61 10.15
N LYS C 90 -4.81 11.03 -23.96
CA LYS C 90 -5.91 10.56 -24.79
C LYS C 90 -6.09 9.04 -24.70
N GLN C 91 -6.80 8.58 -23.66
CA GLN C 91 -7.13 7.17 -23.56
C GLN C 91 -8.61 6.96 -23.27
N LYS C 92 -9.47 7.01 -24.28
CA LYS C 92 -10.87 6.67 -24.06
C LYS C 92 -11.36 5.56 -25.00
N ARG C 93 -11.15 5.74 -26.30
CA ARG C 93 -11.52 4.79 -27.37
C ARG C 93 -12.99 4.40 -27.31
N LYS C 94 -13.86 5.39 -27.53
CA LYS C 94 -15.30 5.20 -27.43
C LYS C 94 -15.99 5.78 -28.66
N PRO C 95 -16.82 5.01 -29.39
CA PRO C 95 -17.46 5.53 -30.61
C PRO C 95 -18.48 6.65 -30.38
N LYS C 96 -19.52 6.38 -29.58
CA LYS C 96 -20.51 7.36 -29.19
C LYS C 96 -21.20 6.86 -27.91
N PRO C 97 -20.61 7.05 -26.75
CA PRO C 97 -21.28 6.65 -25.51
C PRO C 97 -22.21 7.75 -25.03
N GLY C 98 -23.21 7.34 -24.26
CA GLY C 98 -24.07 8.30 -23.58
C GLY C 98 -23.29 9.04 -22.51
N LYS C 99 -23.38 10.37 -22.50
CA LYS C 99 -22.57 11.19 -21.60
C LYS C 99 -23.08 11.09 -20.16
N ARG C 100 -22.82 9.95 -19.51
CA ARG C 100 -23.27 9.70 -18.16
C ARG C 100 -22.13 9.06 -17.38
N GLN C 101 -22.07 9.33 -16.09
CA GLN C 101 -21.06 8.73 -15.21
C GLN C 101 -21.47 7.28 -14.96
N ARG C 102 -21.05 6.41 -15.89
CA ARG C 102 -21.57 5.03 -15.97
C ARG C 102 -20.86 4.13 -14.97
N MET C 103 -21.10 4.42 -13.69
CA MET C 103 -20.83 3.59 -12.49
C MET C 103 -19.40 3.05 -12.39
N CYS C 104 -18.45 3.65 -13.10
CA CYS C 104 -17.04 3.29 -12.97
C CYS C 104 -16.10 4.49 -12.90
N MET C 105 -16.51 5.66 -13.41
CA MET C 105 -15.64 6.83 -13.38
C MET C 105 -15.46 7.36 -11.97
N LYS C 106 -16.52 7.34 -11.18
CA LYS C 106 -16.47 7.70 -9.77
C LYS C 106 -16.58 6.49 -8.84
N LEU C 107 -17.42 5.53 -9.21
CA LEU C 107 -17.82 4.46 -8.30
C LEU C 107 -16.71 3.43 -8.12
N GLU C 108 -16.11 2.99 -9.23
CA GLU C 108 -14.92 2.15 -9.13
C GLU C 108 -13.72 2.94 -8.65
N SER C 109 -13.69 4.25 -8.93
CA SER C 109 -12.65 5.12 -8.39
C SER C 109 -12.78 5.25 -6.87
N ASP C 110 -14.00 5.46 -6.38
CA ASP C 110 -14.28 5.44 -4.95
C ASP C 110 -14.68 4.04 -4.51
N LYS C 111 -13.74 3.11 -4.67
CA LYS C 111 -14.02 1.72 -4.42
C LYS C 111 -14.11 1.46 -2.91
N THR C 112 -15.13 0.72 -2.52
CA THR C 112 -15.38 0.39 -1.13
C THR C 112 -14.86 -1.00 -0.84
N PHE C 113 -13.97 -1.10 0.15
CA PHE C 113 -13.01 -2.19 0.22
C PHE C 113 -13.71 -3.47 0.66
N PRO C 114 -13.44 -4.60 0.00
CA PRO C 114 -14.21 -5.81 0.27
C PRO C 114 -13.86 -6.43 1.62
N ILE C 115 -14.78 -7.28 2.07
CA ILE C 115 -14.62 -8.01 3.33
C ILE C 115 -14.56 -9.47 2.97
N MET C 116 -13.35 -10.00 2.81
CA MET C 116 -13.17 -11.41 2.51
C MET C 116 -12.85 -12.18 3.78
N LEU C 117 -13.35 -13.41 3.84
CA LEU C 117 -13.05 -14.35 4.90
C LEU C 117 -12.77 -15.68 4.25
N ASN C 118 -11.49 -16.06 4.24
CA ASN C 118 -10.97 -17.23 3.52
C ASN C 118 -11.35 -17.18 2.05
N GLY C 119 -10.96 -16.09 1.39
CA GLY C 119 -11.22 -15.91 -0.02
C GLY C 119 -12.62 -15.40 -0.35
N GLN C 120 -13.62 -16.00 0.29
CA GLN C 120 -15.02 -15.64 0.06
C GLN C 120 -15.29 -14.25 0.59
N VAL C 121 -15.59 -13.31 -0.32
CA VAL C 121 -15.89 -11.96 0.09
C VAL C 121 -17.29 -11.92 0.70
N ASN C 122 -17.39 -11.50 1.95
CA ASN C 122 -18.65 -11.45 2.67
C ASN C 122 -19.25 -10.05 2.75
N GLY C 123 -18.47 -9.02 2.47
CA GLY C 123 -19.04 -7.68 2.48
C GLY C 123 -18.11 -6.70 1.82
N TYR C 124 -18.55 -5.45 1.79
CA TYR C 124 -17.69 -4.32 1.49
C TYR C 124 -17.62 -3.47 2.75
N ALA C 125 -16.57 -2.64 2.83
CA ALA C 125 -16.42 -1.71 3.94
C ALA C 125 -15.43 -0.64 3.56
N CYS C 126 -15.68 0.59 4.00
CA CYS C 126 -14.77 1.68 3.71
C CYS C 126 -14.88 2.68 4.85
N VAL C 127 -14.45 3.91 4.58
CA VAL C 127 -14.60 5.00 5.53
C VAL C 127 -15.36 6.12 4.83
N VAL C 128 -16.42 6.61 5.48
CA VAL C 128 -17.11 7.81 5.06
C VAL C 128 -17.06 8.81 6.21
N GLY C 129 -16.79 10.07 5.86
CA GLY C 129 -16.76 11.14 6.85
C GLY C 129 -15.63 11.05 7.85
N GLY C 130 -14.57 10.29 7.55
CA GLY C 130 -13.49 10.12 8.49
C GLY C 130 -13.75 9.10 9.58
N ARG C 131 -14.87 8.39 9.52
CA ARG C 131 -15.17 7.32 10.47
C ARG C 131 -15.43 6.03 9.71
N VAL C 132 -14.79 4.96 10.16
CA VAL C 132 -14.86 3.67 9.49
C VAL C 132 -16.28 3.13 9.56
N PHE C 133 -16.75 2.55 8.48
CA PHE C 133 -17.92 1.70 8.53
C PHE C 133 -17.52 0.29 8.10
N LYS C 134 -18.00 -0.70 8.84
CA LYS C 134 -17.88 -2.08 8.45
C LYS C 134 -19.17 -2.69 8.95
N PRO C 135 -19.87 -3.46 8.12
CA PRO C 135 -21.18 -4.00 8.52
C PRO C 135 -21.08 -4.99 9.68
N LEU C 136 -22.00 -4.83 10.62
CA LEU C 136 -22.03 -5.71 11.79
C LEU C 136 -22.54 -7.10 11.43
N HIS C 137 -23.37 -7.22 10.39
CA HIS C 137 -23.83 -8.53 9.94
C HIS C 137 -22.82 -9.23 9.06
N VAL C 138 -21.65 -8.64 8.84
CA VAL C 138 -20.62 -9.18 7.97
C VAL C 138 -19.35 -9.41 8.78
N GLU C 139 -18.80 -10.61 8.69
CA GLU C 139 -17.51 -10.92 9.27
C GLU C 139 -16.46 -11.05 8.17
N GLY C 140 -15.20 -10.94 8.58
CA GLY C 140 -14.10 -11.07 7.65
C GLY C 140 -13.07 -9.97 7.80
N ARG C 141 -12.47 -9.54 6.70
CA ARG C 141 -11.29 -8.69 6.76
C ARG C 141 -11.30 -7.65 5.67
N ILE C 142 -10.97 -6.41 6.06
CA ILE C 142 -10.83 -5.31 5.11
C ILE C 142 -9.62 -5.55 4.21
N ASP C 143 -9.74 -5.13 2.95
CA ASP C 143 -8.60 -4.99 2.04
C ASP C 143 -7.43 -4.26 2.69
N ASN C 144 -7.67 -3.13 3.33
CA ASN C 144 -6.61 -2.33 3.93
C ASN C 144 -6.22 -2.93 5.28
N GLU C 145 -4.91 -3.10 5.47
CA GLU C 145 -4.38 -3.46 6.78
C GLU C 145 -4.57 -2.32 7.76
N GLN C 146 -4.44 -1.08 7.29
CA GLN C 146 -4.59 0.09 8.14
C GLN C 146 -6.03 0.34 8.54
N LEU C 147 -6.99 -0.29 7.86
CA LEU C 147 -8.38 -0.25 8.27
C LEU C 147 -8.83 -1.49 9.01
N ALA C 148 -8.27 -2.66 8.68
CA ALA C 148 -8.61 -3.88 9.40
C ALA C 148 -8.00 -3.91 10.80
N ALA C 149 -6.98 -3.08 11.04
CA ALA C 149 -6.40 -2.95 12.37
C ALA C 149 -7.17 -1.98 13.26
N ILE C 150 -8.25 -1.39 12.77
CA ILE C 150 -9.05 -0.46 13.54
C ILE C 150 -10.07 -1.23 14.35
N LYS C 151 -9.99 -1.13 15.67
CA LYS C 151 -11.03 -1.68 16.54
C LYS C 151 -12.31 -0.89 16.34
N LEU C 152 -13.42 -1.61 16.17
CA LEU C 152 -14.66 -0.99 15.75
C LEU C 152 -15.72 -1.14 16.82
N LYS C 153 -16.66 -0.19 16.84
CA LYS C 153 -17.70 -0.12 17.85
C LYS C 153 -19.03 -0.55 17.25
N LYS C 154 -19.70 -1.47 17.93
CA LYS C 154 -20.90 -2.11 17.40
C LYS C 154 -22.09 -1.16 17.52
N ALA C 155 -22.46 -0.55 16.41
CA ALA C 155 -23.71 0.20 16.33
C ALA C 155 -24.80 -0.80 15.99
N SER C 156 -25.37 -1.41 17.03
CA SER C 156 -26.24 -2.57 16.85
C SER C 156 -27.59 -2.19 16.24
N ILE C 157 -27.97 -0.93 16.36
CA ILE C 157 -29.22 -0.44 15.77
C ILE C 157 -28.84 0.27 14.47
N TYR C 158 -27.64 -0.03 13.97
CA TYR C 158 -27.24 0.44 12.65
C TYR C 158 -26.64 -0.60 11.75
N ASP C 159 -26.27 -1.78 12.28
CA ASP C 159 -25.62 -2.86 11.54
C ASP C 159 -24.32 -2.38 10.91
N LEU C 160 -23.61 -1.51 11.62
CA LEU C 160 -22.29 -1.06 11.21
C LEU C 160 -21.38 -1.07 12.43
N GLU C 161 -20.12 -1.33 12.19
CA GLU C 161 -19.11 -1.38 13.23
C GLU C 161 -18.21 -0.17 13.01
N TYR C 162 -18.49 0.91 13.74
CA TYR C 162 -17.82 2.16 13.45
C TYR C 162 -16.55 2.33 14.27
N GLY C 163 -15.61 3.06 13.70
CA GLY C 163 -14.40 3.46 14.39
C GLY C 163 -13.90 4.72 13.73
N ASP C 164 -12.58 4.90 13.74
CA ASP C 164 -11.96 6.09 13.17
C ASP C 164 -10.84 5.67 12.23
N VAL C 165 -10.82 6.26 11.05
CA VAL C 165 -9.71 6.09 10.11
C VAL C 165 -8.55 6.91 10.66
N PRO C 166 -7.31 6.54 10.37
CA PRO C 166 -6.20 7.50 10.52
C PRO C 166 -6.20 8.57 9.44
N GLN C 167 -5.12 9.35 9.37
CA GLN C 167 -4.96 10.31 8.28
C GLN C 167 -4.92 9.63 6.92
N CYS C 168 -4.50 8.35 6.89
CA CYS C 168 -4.03 7.66 5.69
C CYS C 168 -5.07 7.62 4.57
N MET C 169 -6.35 7.63 4.93
CA MET C 169 -7.39 7.81 3.94
C MET C 169 -8.14 9.13 4.09
N LYS C 170 -8.15 9.70 5.30
CA LYS C 170 -9.14 10.61 5.86
C LYS C 170 -9.74 11.65 4.91
N SER C 171 -8.92 12.15 3.98
CA SER C 171 -9.43 13.07 2.97
C SER C 171 -10.29 12.35 1.92
N ASP C 172 -10.03 11.08 1.66
CA ASP C 172 -10.76 10.33 0.64
C ASP C 172 -12.09 9.78 1.13
N THR C 173 -12.51 10.16 2.33
CA THR C 173 -13.68 9.58 2.98
C THR C 173 -14.85 10.52 2.71
N LEU C 174 -15.70 10.15 1.77
CA LEU C 174 -16.09 11.08 0.73
C LEU C 174 -16.91 12.32 1.08
N GLN C 175 -18.24 12.21 1.14
CA GLN C 175 -19.08 13.37 0.78
C GLN C 175 -20.53 13.04 1.08
N TYR C 176 -21.33 14.10 1.29
CA TYR C 176 -22.81 14.12 1.27
C TYR C 176 -23.29 15.56 1.41
N THR C 177 -24.45 15.86 0.77
CA THR C 177 -25.27 17.03 1.05
C THR C 177 -26.71 16.56 1.25
N SER C 178 -27.45 17.28 2.08
CA SER C 178 -28.56 16.73 2.87
C SER C 178 -29.76 16.15 2.09
N ASP C 179 -29.72 16.14 0.77
CA ASP C 179 -30.91 15.85 -0.02
C ASP C 179 -31.04 14.39 -0.39
N LYS C 180 -32.29 13.96 -0.60
CA LYS C 180 -32.63 12.74 -1.31
C LYS C 180 -33.54 13.12 -2.47
N PRO C 181 -32.97 13.46 -3.63
CA PRO C 181 -33.81 13.73 -4.80
C PRO C 181 -34.47 12.46 -5.30
N PRO C 182 -35.78 12.51 -5.55
CA PRO C 182 -36.47 11.35 -6.14
C PRO C 182 -36.04 11.10 -7.56
N GLY C 183 -35.32 9.99 -7.77
CA GLY C 183 -34.80 9.68 -9.07
C GLY C 183 -33.74 8.60 -8.97
N PHE C 184 -33.11 8.34 -10.12
CA PHE C 184 -32.16 7.25 -10.21
C PHE C 184 -30.82 7.66 -9.61
N TYR C 185 -30.23 6.77 -8.84
CA TYR C 185 -28.91 7.00 -8.27
C TYR C 185 -27.92 6.02 -8.88
N ASN C 186 -26.70 6.06 -8.36
CA ASN C 186 -25.66 5.17 -8.81
C ASN C 186 -25.59 3.93 -7.92
N TRP C 187 -24.90 2.91 -8.43
CA TRP C 187 -24.83 1.59 -7.82
C TRP C 187 -23.72 0.82 -8.53
N HIS C 188 -22.97 0.02 -7.77
CA HIS C 188 -21.80 -0.67 -8.32
C HIS C 188 -22.16 -1.89 -9.17
N HIS C 189 -23.44 -2.08 -9.47
CA HIS C 189 -23.92 -3.00 -10.49
C HIS C 189 -24.97 -2.38 -11.41
N GLY C 190 -25.62 -1.29 -11.01
CA GLY C 190 -26.77 -0.79 -11.74
C GLY C 190 -27.21 0.59 -11.28
N ALA C 191 -28.51 0.78 -11.09
CA ALA C 191 -29.06 2.06 -10.63
C ALA C 191 -30.17 1.80 -9.64
N VAL C 192 -30.31 2.72 -8.68
CA VAL C 192 -31.32 2.61 -7.64
C VAL C 192 -32.14 3.90 -7.61
N GLN C 193 -33.44 3.77 -7.37
CA GLN C 193 -34.39 4.87 -7.48
C GLN C 193 -34.93 5.23 -6.10
N TYR C 194 -34.87 6.51 -5.77
CA TYR C 194 -35.54 7.01 -4.56
C TYR C 194 -37.04 7.11 -4.85
N GLU C 195 -37.84 6.41 -4.06
CA GLU C 195 -39.28 6.42 -4.27
C GLU C 195 -39.96 6.09 -2.95
N ASN C 196 -40.78 7.02 -2.46
CA ASN C 196 -41.58 6.88 -1.24
C ASN C 196 -40.70 6.58 -0.02
N ASN C 197 -39.66 7.41 0.15
CA ASN C 197 -38.66 7.28 1.22
C ASN C 197 -37.98 5.91 1.20
N ARG C 198 -37.77 5.38 0.01
CA ARG C 198 -37.32 4.01 -0.14
C ARG C 198 -36.50 3.91 -1.42
N PHE C 199 -35.49 3.06 -1.39
CA PHE C 199 -34.52 2.95 -2.47
C PHE C 199 -34.89 1.77 -3.34
N THR C 200 -35.26 2.04 -4.59
CA THR C 200 -35.77 1.01 -5.50
C THR C 200 -34.70 0.69 -6.52
N VAL C 201 -33.96 -0.39 -6.27
CA VAL C 201 -33.03 -0.97 -7.22
C VAL C 201 -33.82 -2.12 -7.86
N PRO C 202 -33.51 -2.55 -9.09
CA PRO C 202 -34.25 -3.69 -9.65
C PRO C 202 -33.96 -5.03 -8.98
N ARG C 203 -34.54 -6.10 -9.49
CA ARG C 203 -34.26 -7.41 -8.94
C ARG C 203 -32.92 -7.93 -9.48
N GLY C 204 -32.33 -8.86 -8.73
CA GLY C 204 -31.11 -9.51 -9.15
C GLY C 204 -29.85 -8.69 -8.91
N VAL C 205 -29.89 -7.41 -9.28
CA VAL C 205 -28.80 -6.49 -9.02
C VAL C 205 -28.63 -6.29 -7.52
N GLY C 206 -27.43 -6.60 -7.02
CA GLY C 206 -27.19 -6.59 -5.59
C GLY C 206 -27.84 -7.80 -4.92
N GLY C 207 -27.78 -7.78 -3.59
CA GLY C 207 -28.43 -8.81 -2.80
C GLY C 207 -27.73 -10.14 -2.88
N LYS C 208 -26.41 -10.14 -2.67
CA LYS C 208 -25.57 -11.27 -3.03
C LYS C 208 -24.68 -11.76 -1.90
N GLY C 209 -24.10 -10.86 -1.11
CA GLY C 209 -23.01 -11.26 -0.25
C GLY C 209 -21.82 -10.33 -0.23
N ASP C 210 -22.00 -9.09 -0.69
CA ASP C 210 -20.94 -8.08 -0.62
C ASP C 210 -21.43 -6.81 0.08
N SER C 211 -22.28 -6.97 1.10
CA SER C 211 -23.17 -5.89 1.54
C SER C 211 -22.51 -4.77 2.32
N GLY C 212 -21.70 -3.96 1.65
CA GLY C 212 -21.24 -2.75 2.27
C GLY C 212 -21.04 -1.61 1.30
N ARG C 213 -21.53 -1.75 0.06
CA ARG C 213 -21.31 -0.70 -0.92
C ARG C 213 -22.23 0.48 -0.62
N PRO C 214 -21.69 1.69 -0.60
CA PRO C 214 -22.55 2.87 -0.51
C PRO C 214 -23.13 3.23 -1.86
N ILE C 215 -24.41 3.59 -1.84
CA ILE C 215 -25.00 4.26 -2.99
C ILE C 215 -24.30 5.59 -3.17
N LEU C 216 -23.97 5.92 -4.41
CA LEU C 216 -23.25 7.14 -4.69
C LEU C 216 -24.11 8.09 -5.52
N ASP C 217 -23.77 9.37 -5.44
CA ASP C 217 -24.47 10.43 -6.14
C ASP C 217 -23.85 10.61 -7.53
N ASN C 218 -24.59 11.30 -8.40
CA ASN C 218 -24.00 11.85 -9.61
C ASN C 218 -22.92 12.87 -9.28
N LYS C 219 -23.03 13.53 -8.12
CA LYS C 219 -21.95 14.34 -7.58
C LYS C 219 -20.88 13.51 -6.89
N GLY C 220 -21.00 12.19 -6.88
CA GLY C 220 -20.05 11.33 -6.21
C GLY C 220 -20.25 11.25 -4.71
N ARG C 221 -21.26 11.91 -4.18
CA ARG C 221 -21.49 11.93 -2.74
C ARG C 221 -22.03 10.58 -2.29
N VAL C 222 -21.59 10.16 -1.10
CA VAL C 222 -22.10 8.93 -0.50
C VAL C 222 -23.57 9.12 -0.16
N VAL C 223 -24.40 8.20 -0.63
CA VAL C 223 -25.82 8.26 -0.31
C VAL C 223 -26.11 7.26 0.79
N ALA C 224 -25.82 5.99 0.55
CA ALA C 224 -26.32 4.96 1.47
C ALA C 224 -25.51 3.69 1.42
N ILE C 225 -24.81 3.40 2.52
CA ILE C 225 -24.21 2.10 2.74
C ILE C 225 -25.30 1.06 2.88
N VAL C 226 -25.24 0.04 2.04
CA VAL C 226 -26.31 -0.94 1.91
C VAL C 226 -25.94 -2.19 2.67
N LEU C 227 -26.84 -2.61 3.55
CA LEU C 227 -26.58 -3.72 4.46
C LEU C 227 -27.48 -4.91 4.21
N GLY C 228 -28.72 -4.68 3.81
CA GLY C 228 -29.62 -5.77 3.54
C GLY C 228 -30.54 -5.49 2.38
N GLY C 229 -31.52 -6.35 2.16
CA GLY C 229 -32.50 -6.12 1.14
C GLY C 229 -33.19 -7.38 0.66
N VAL C 230 -34.50 -7.30 0.46
CA VAL C 230 -35.29 -8.42 -0.07
C VAL C 230 -35.75 -8.05 -1.46
N ASN C 231 -35.75 -9.03 -2.36
CA ASN C 231 -36.25 -8.85 -3.71
C ASN C 231 -37.74 -8.59 -3.64
N GLU C 232 -38.13 -7.32 -3.82
CA GLU C 232 -39.53 -6.98 -3.97
C GLU C 232 -39.90 -7.30 -5.41
N GLY C 233 -40.04 -8.60 -5.70
CA GLY C 233 -40.40 -9.10 -7.01
C GLY C 233 -39.54 -8.65 -8.16
N SER C 234 -40.13 -7.79 -9.01
CA SER C 234 -39.40 -7.25 -10.15
C SER C 234 -38.31 -6.29 -9.74
N ARG C 235 -38.46 -5.64 -8.58
CA ARG C 235 -37.47 -4.67 -8.13
C ARG C 235 -37.01 -5.06 -6.73
N THR C 236 -36.29 -4.17 -6.02
CA THR C 236 -35.72 -4.55 -4.74
C THR C 236 -35.52 -3.30 -3.88
N ALA C 237 -35.98 -3.36 -2.64
CA ALA C 237 -35.68 -2.33 -1.65
C ALA C 237 -34.64 -2.86 -0.68
N LEU C 238 -33.77 -1.97 -0.21
CA LEU C 238 -32.55 -2.36 0.47
C LEU C 238 -32.47 -1.74 1.86
N SER C 239 -31.75 -2.41 2.76
CA SER C 239 -31.47 -1.87 4.09
C SER C 239 -30.22 -1.01 4.02
N VAL C 240 -30.40 0.29 4.25
CA VAL C 240 -29.47 1.34 3.82
C VAL C 240 -29.31 2.32 4.98
N VAL C 241 -28.49 3.35 4.76
CA VAL C 241 -28.41 4.49 5.67
C VAL C 241 -28.54 5.80 4.88
N THR C 242 -29.67 6.47 5.07
CA THR C 242 -30.15 7.53 4.18
C THR C 242 -29.91 8.91 4.76
N TRP C 243 -28.75 9.15 5.39
CA TRP C 243 -28.72 9.44 6.83
C TRP C 243 -30.07 9.91 7.33
N ASN C 244 -30.48 11.13 7.01
CA ASN C 244 -31.87 11.59 6.95
C ASN C 244 -31.86 12.97 6.30
N GLN C 245 -33.00 13.65 6.43
CA GLN C 245 -33.11 15.05 6.00
C GLN C 245 -32.25 15.98 6.86
N LYS C 246 -31.86 15.56 8.07
CA LYS C 246 -31.03 16.36 8.95
C LYS C 246 -29.60 15.84 9.04
N GLY C 247 -29.25 14.82 8.28
CA GLY C 247 -27.92 14.23 8.37
C GLY C 247 -27.69 13.40 9.61
N VAL C 248 -28.66 12.55 9.97
CA VAL C 248 -28.68 11.83 11.24
C VAL C 248 -28.98 10.37 10.92
N THR C 249 -28.06 9.47 11.26
CA THR C 249 -27.97 8.13 10.66
C THR C 249 -29.15 7.21 10.95
N VAL C 250 -29.39 6.27 10.03
CA VAL C 250 -30.45 5.26 10.16
C VAL C 250 -29.90 3.87 9.86
N LYS C 251 -30.78 2.89 10.03
CA LYS C 251 -30.65 1.54 9.51
C LYS C 251 -31.94 1.30 8.70
N ASP C 252 -32.01 1.91 7.52
CA ASP C 252 -33.30 2.10 6.84
C ASP C 252 -33.70 0.78 6.18
N THR C 253 -34.35 -0.05 6.99
CA THR C 253 -34.70 -1.41 6.59
C THR C 253 -36.19 -1.49 6.29
N PRO C 254 -36.59 -1.66 5.04
CA PRO C 254 -37.98 -2.02 4.77
C PRO C 254 -38.24 -3.47 5.17
N GLU C 255 -39.52 -3.84 5.12
CA GLU C 255 -39.95 -5.10 5.71
C GLU C 255 -39.44 -6.31 4.94
N GLY C 256 -39.11 -7.36 5.69
CA GLY C 256 -38.62 -8.60 5.11
C GLY C 256 -37.21 -8.57 4.57
N SER C 257 -36.49 -7.46 4.70
CA SER C 257 -35.20 -7.29 4.04
C SER C 257 -34.15 -8.17 4.69
N GLU C 258 -33.50 -8.99 3.88
CA GLU C 258 -32.50 -9.92 4.40
C GLU C 258 -31.11 -9.34 4.21
N PRO C 259 -30.26 -9.41 5.24
CA PRO C 259 -28.88 -8.96 5.11
C PRO C 259 -28.06 -9.77 4.11
N TRP C 260 -27.67 -9.16 3.00
CA TRP C 260 -26.89 -9.85 1.98
C TRP C 260 -25.41 -9.70 2.24
N PRO D 84 5.24 -4.14 -25.95
CA PRO D 84 5.95 -5.41 -26.18
C PRO D 84 7.11 -5.39 -27.21
N PRO D 85 8.23 -4.67 -26.99
CA PRO D 85 9.22 -4.49 -28.09
C PRO D 85 10.12 -5.69 -28.39
N PRO D 86 10.66 -6.45 -27.42
CA PRO D 86 11.29 -7.74 -27.81
C PRO D 86 10.24 -8.84 -27.80
N PRO D 87 10.56 -10.18 -28.10
CA PRO D 87 9.45 -11.16 -28.14
C PRO D 87 8.63 -11.32 -26.87
N ALA D 88 7.37 -10.89 -26.96
CA ALA D 88 6.39 -11.01 -25.89
C ALA D 88 5.20 -11.88 -26.30
N LYS D 89 5.46 -12.89 -27.15
CA LYS D 89 4.51 -13.90 -27.63
C LYS D 89 3.35 -13.31 -28.42
N LYS D 90 3.50 -12.09 -28.91
CA LYS D 90 2.43 -11.45 -29.70
C LYS D 90 2.70 -11.57 -31.18
N GLN D 91 3.84 -12.16 -31.55
CA GLN D 91 4.24 -12.39 -32.93
C GLN D 91 3.88 -13.82 -33.30
N LYS D 92 2.69 -14.25 -32.85
CA LYS D 92 2.49 -15.35 -31.89
C LYS D 92 3.49 -16.48 -32.15
N ARG D 93 3.27 -17.34 -33.14
CA ARG D 93 3.99 -18.61 -33.30
C ARG D 93 3.59 -19.21 -34.64
N LYS D 94 4.54 -19.88 -35.28
CA LYS D 94 4.19 -20.67 -36.46
C LYS D 94 3.60 -22.04 -36.10
N PRO D 95 4.24 -22.92 -35.24
CA PRO D 95 3.59 -24.23 -35.00
C PRO D 95 2.44 -24.17 -34.00
N LYS D 96 1.27 -23.86 -34.52
CA LYS D 96 -0.03 -23.77 -33.85
C LYS D 96 -0.56 -25.20 -33.60
N PRO D 97 -1.72 -25.44 -32.88
CA PRO D 97 -2.06 -26.84 -32.53
C PRO D 97 -2.43 -27.74 -33.71
N GLY D 98 -1.40 -28.18 -34.44
CA GLY D 98 -1.59 -29.12 -35.53
C GLY D 98 -1.32 -30.56 -35.12
N LYS D 99 -0.96 -30.77 -33.86
CA LYS D 99 -0.64 -32.09 -33.32
C LYS D 99 -1.27 -32.20 -31.93
N ARG D 100 -0.77 -33.17 -31.14
CA ARG D 100 -1.21 -33.43 -29.76
C ARG D 100 -1.12 -32.17 -28.91
N GLN D 101 -2.12 -31.95 -28.03
CA GLN D 101 -2.35 -30.65 -27.41
C GLN D 101 -1.20 -30.19 -26.52
N ARG D 102 -1.07 -30.80 -25.34
CA ARG D 102 -0.05 -30.54 -24.32
C ARG D 102 -0.10 -31.70 -23.34
N MET D 103 0.88 -31.72 -22.43
CA MET D 103 0.82 -32.57 -21.26
C MET D 103 0.77 -31.76 -19.97
N CYS D 104 0.81 -30.44 -20.05
CA CYS D 104 0.80 -29.56 -18.89
C CYS D 104 -0.46 -28.70 -18.84
N MET D 105 -1.45 -28.97 -19.71
CA MET D 105 -2.77 -28.34 -19.57
C MET D 105 -3.45 -28.78 -18.29
N LYS D 106 -3.12 -29.97 -17.80
CA LYS D 106 -3.68 -30.45 -16.55
C LYS D 106 -2.90 -29.93 -15.35
N LEU D 107 -1.66 -29.47 -15.59
CA LEU D 107 -0.93 -28.69 -14.59
C LEU D 107 -1.38 -27.24 -14.54
N GLU D 108 -2.21 -26.80 -15.51
CA GLU D 108 -2.96 -25.57 -15.30
C GLU D 108 -4.05 -25.78 -14.28
N SER D 109 -4.54 -27.01 -14.15
CA SER D 109 -5.48 -27.39 -13.11
C SER D 109 -4.79 -27.87 -11.84
N ASP D 110 -3.50 -27.57 -11.69
CA ASP D 110 -2.78 -27.88 -10.46
C ASP D 110 -3.26 -26.92 -9.39
N LYS D 111 -4.25 -27.35 -8.63
CA LYS D 111 -4.75 -26.57 -7.50
C LYS D 111 -4.23 -27.09 -6.18
N THR D 112 -3.05 -27.70 -6.21
CA THR D 112 -2.24 -27.85 -5.02
C THR D 112 -1.50 -26.56 -4.73
N PHE D 113 -0.82 -26.53 -3.59
CA PHE D 113 -0.22 -25.29 -3.17
C PHE D 113 1.20 -25.51 -2.65
N PRO D 114 2.12 -24.59 -2.94
CA PRO D 114 3.52 -24.81 -2.60
C PRO D 114 3.78 -24.70 -1.10
N ILE D 115 3.60 -25.81 -0.39
CA ILE D 115 3.76 -25.81 1.05
C ILE D 115 5.23 -25.55 1.38
N MET D 116 5.50 -24.35 1.89
CA MET D 116 6.85 -23.91 2.23
C MET D 116 6.98 -23.85 3.73
N LEU D 117 7.83 -24.70 4.30
CA LEU D 117 8.32 -24.47 5.65
C LEU D 117 9.51 -23.55 5.51
N ASN D 118 9.27 -22.26 5.78
CA ASN D 118 10.25 -21.18 5.70
C ASN D 118 10.84 -21.09 4.29
N GLY D 119 9.96 -20.72 3.35
CA GLY D 119 10.35 -20.41 1.99
C GLY D 119 10.74 -21.58 1.12
N GLN D 120 10.92 -22.77 1.68
CA GLN D 120 11.40 -23.93 0.94
C GLN D 120 10.26 -24.93 0.82
N VAL D 121 9.88 -25.23 -0.42
CA VAL D 121 8.81 -26.19 -0.70
C VAL D 121 9.25 -27.57 -0.23
N ASN D 122 8.59 -28.09 0.79
CA ASN D 122 8.76 -29.49 1.14
C ASN D 122 7.75 -30.38 0.42
N GLY D 123 6.55 -29.87 0.19
CA GLY D 123 5.53 -30.65 -0.46
C GLY D 123 4.41 -29.75 -0.95
N TYR D 124 3.34 -30.39 -1.41
CA TYR D 124 2.12 -29.69 -1.79
C TYR D 124 0.93 -30.24 -1.02
N ALA D 125 -0.15 -29.47 -1.02
CA ALA D 125 -1.40 -29.84 -0.36
C ALA D 125 -2.38 -30.29 -1.43
N CYS D 126 -2.73 -31.56 -1.42
CA CYS D 126 -3.57 -32.13 -2.47
C CYS D 126 -5.04 -32.08 -2.08
N VAL D 127 -5.82 -31.35 -2.85
CA VAL D 127 -7.27 -31.53 -2.84
C VAL D 127 -7.59 -32.75 -3.70
N VAL D 128 -8.55 -33.55 -3.23
CA VAL D 128 -9.17 -34.57 -4.08
C VAL D 128 -10.58 -34.82 -3.56
N GLY D 129 -11.55 -34.74 -4.46
CA GLY D 129 -12.96 -34.80 -4.10
C GLY D 129 -13.42 -33.72 -3.13
N GLY D 130 -12.66 -32.63 -3.01
CA GLY D 130 -12.83 -31.67 -1.95
C GLY D 130 -12.10 -32.02 -0.67
N ARG D 131 -11.86 -33.30 -0.42
CA ARG D 131 -11.17 -33.72 0.79
C ARG D 131 -9.68 -33.47 0.60
N VAL D 132 -9.14 -32.52 1.34
CA VAL D 132 -7.77 -32.07 1.15
C VAL D 132 -6.85 -32.85 2.08
N PHE D 133 -5.62 -33.10 1.62
CA PHE D 133 -4.56 -33.61 2.49
C PHE D 133 -3.20 -33.18 1.96
N LYS D 134 -2.17 -33.59 2.69
CA LYS D 134 -0.77 -33.30 2.41
C LYS D 134 0.05 -34.33 3.16
N PRO D 135 1.26 -34.65 2.70
CA PRO D 135 2.04 -35.68 3.38
C PRO D 135 2.57 -35.25 4.74
N LEU D 136 2.70 -36.23 5.64
CA LEU D 136 3.18 -36.00 7.00
C LEU D 136 4.62 -35.54 7.04
N HIS D 137 5.40 -35.82 6.00
CA HIS D 137 6.80 -35.39 5.91
C HIS D 137 6.94 -33.88 5.71
N VAL D 138 5.84 -33.16 5.56
CA VAL D 138 5.85 -31.79 5.06
C VAL D 138 5.29 -30.86 6.13
N GLU D 139 5.95 -29.73 6.35
CA GLU D 139 5.53 -28.72 7.33
C GLU D 139 5.49 -27.35 6.66
N GLY D 140 5.09 -26.33 7.43
CA GLY D 140 4.74 -25.06 6.82
C GLY D 140 3.63 -24.28 7.53
N ARG D 141 2.48 -24.07 6.87
CA ARG D 141 2.26 -24.75 5.58
C ARG D 141 1.93 -23.99 4.28
N ILE D 142 0.78 -23.33 4.15
CA ILE D 142 0.14 -23.18 2.85
C ILE D 142 -0.01 -21.70 2.52
N ASP D 143 0.36 -21.33 1.29
CA ASP D 143 0.19 -19.95 0.84
C ASP D 143 -1.28 -19.58 0.70
N ASN D 144 -2.15 -20.54 0.38
CA ASN D 144 -3.58 -20.28 0.42
C ASN D 144 -4.02 -20.20 1.87
N GLU D 145 -4.65 -19.06 2.22
CA GLU D 145 -5.09 -18.80 3.57
C GLU D 145 -6.21 -19.74 3.99
N GLN D 146 -7.01 -20.19 3.03
CA GLN D 146 -8.09 -21.14 3.31
C GLN D 146 -7.52 -22.48 3.79
N LEU D 147 -6.71 -23.10 2.94
CA LEU D 147 -6.18 -24.42 3.22
C LEU D 147 -5.19 -24.41 4.37
N ALA D 148 -4.61 -23.25 4.69
CA ALA D 148 -3.79 -23.11 5.88
C ALA D 148 -4.63 -22.89 7.14
N ALA D 149 -5.95 -22.86 7.03
CA ALA D 149 -6.82 -22.62 8.18
C ALA D 149 -7.66 -23.83 8.56
N ILE D 150 -7.36 -25.00 8.02
CA ILE D 150 -8.12 -26.21 8.28
C ILE D 150 -7.23 -27.20 9.02
N LYS D 151 -7.62 -27.55 10.24
CA LYS D 151 -6.89 -28.55 11.00
C LYS D 151 -7.11 -29.92 10.38
N LEU D 152 -6.03 -30.62 10.06
CA LEU D 152 -6.09 -31.90 9.39
C LEU D 152 -6.08 -33.03 10.42
N LYS D 153 -6.31 -34.25 9.93
CA LYS D 153 -6.35 -35.44 10.77
C LYS D 153 -5.30 -36.43 10.28
N LYS D 154 -4.43 -36.86 11.21
CA LYS D 154 -3.26 -37.66 10.84
C LYS D 154 -3.66 -39.06 10.39
N ALA D 155 -3.25 -39.41 9.17
CA ALA D 155 -3.34 -40.78 8.67
C ALA D 155 -1.92 -41.33 8.68
N SER D 156 -1.61 -42.14 9.70
CA SER D 156 -0.21 -42.48 10.00
C SER D 156 0.36 -43.44 8.96
N ILE D 157 -0.40 -44.47 8.59
CA ILE D 157 0.10 -45.47 7.66
C ILE D 157 -0.29 -45.09 6.24
N TYR D 158 -0.73 -43.85 6.07
CA TYR D 158 -0.77 -43.24 4.76
C TYR D 158 0.15 -42.04 4.67
N ASP D 159 0.88 -41.76 5.77
CA ASP D 159 1.92 -40.74 5.84
C ASP D 159 1.41 -39.36 5.48
N LEU D 160 0.15 -39.09 5.81
CA LEU D 160 -0.49 -37.85 5.42
C LEU D 160 -1.37 -37.37 6.58
N GLU D 161 -1.97 -36.20 6.38
CA GLU D 161 -2.93 -35.62 7.32
C GLU D 161 -4.07 -35.06 6.50
N TYR D 162 -5.30 -35.49 6.75
CA TYR D 162 -6.39 -35.19 5.83
C TYR D 162 -7.45 -34.30 6.47
N GLY D 163 -8.14 -33.55 5.61
CA GLY D 163 -9.26 -32.72 6.00
C GLY D 163 -10.09 -32.42 4.77
N ASP D 164 -10.73 -31.25 4.75
CA ASP D 164 -11.56 -30.85 3.62
C ASP D 164 -11.34 -29.37 3.32
N VAL D 165 -11.90 -28.94 2.19
CA VAL D 165 -11.88 -27.54 1.78
C VAL D 165 -13.29 -26.97 1.96
N PRO D 166 -13.47 -25.97 2.81
CA PRO D 166 -14.82 -25.45 3.04
C PRO D 166 -15.20 -24.37 2.03
N GLN D 167 -16.43 -24.47 1.51
CA GLN D 167 -17.21 -23.36 0.97
C GLN D 167 -16.70 -22.77 -0.34
N CYS D 168 -15.54 -23.21 -0.84
CA CYS D 168 -15.25 -23.14 -2.28
C CYS D 168 -14.51 -24.44 -2.59
N MET D 169 -15.30 -25.45 -2.93
CA MET D 169 -14.81 -26.81 -2.95
C MET D 169 -14.55 -27.30 -4.37
N LYS D 170 -15.18 -26.70 -5.37
CA LYS D 170 -14.93 -27.06 -6.75
C LYS D 170 -13.72 -26.35 -7.34
N SER D 171 -12.91 -25.71 -6.49
CA SER D 171 -11.51 -25.48 -6.86
C SER D 171 -10.76 -26.78 -7.00
N ASP D 172 -11.25 -27.85 -6.37
CA ASP D 172 -10.73 -29.21 -6.54
C ASP D 172 -11.11 -29.69 -7.94
N THR D 173 -10.29 -29.30 -8.91
CA THR D 173 -10.31 -29.94 -10.21
C THR D 173 -9.64 -31.30 -10.18
N LEU D 174 -8.91 -31.59 -9.10
CA LEU D 174 -8.12 -32.81 -8.94
C LEU D 174 -9.05 -33.96 -8.57
N GLN D 175 -9.71 -34.51 -9.58
CA GLN D 175 -10.73 -35.52 -9.38
C GLN D 175 -10.12 -36.92 -9.52
N TYR D 176 -10.96 -37.95 -9.66
CA TYR D 176 -10.62 -39.32 -9.26
C TYR D 176 -10.48 -40.27 -10.46
N THR D 177 -9.53 -41.20 -10.35
CA THR D 177 -9.08 -42.01 -11.48
C THR D 177 -9.46 -43.50 -11.43
N SER D 178 -9.57 -44.11 -10.26
CA SER D 178 -8.91 -45.38 -9.89
C SER D 178 -8.36 -46.28 -11.01
N ASP D 179 -9.14 -46.46 -12.08
CA ASP D 179 -8.75 -47.22 -13.27
C ASP D 179 -7.36 -46.84 -13.74
N LYS D 180 -6.45 -47.81 -13.67
CA LYS D 180 -5.06 -47.64 -14.05
C LYS D 180 -4.67 -48.62 -15.16
N PRO D 181 -4.98 -48.29 -16.41
CA PRO D 181 -4.27 -48.93 -17.50
C PRO D 181 -2.79 -48.60 -17.45
N PRO D 182 -1.92 -49.56 -17.80
CA PRO D 182 -0.49 -49.29 -17.72
C PRO D 182 -0.01 -48.35 -18.81
N GLY D 183 -0.16 -47.05 -18.55
CA GLY D 183 0.22 -46.00 -19.46
C GLY D 183 1.03 -44.91 -18.76
N PHE D 184 0.95 -43.71 -19.33
CA PHE D 184 1.69 -42.57 -18.85
C PHE D 184 0.72 -41.53 -18.31
N TYR D 185 0.88 -41.16 -17.04
CA TYR D 185 -0.03 -40.22 -16.39
C TYR D 185 0.73 -38.97 -16.00
N ASN D 186 0.06 -37.83 -16.13
CA ASN D 186 0.72 -36.52 -16.03
C ASN D 186 1.17 -36.23 -14.62
N TRP D 187 2.45 -35.92 -14.49
CA TRP D 187 3.06 -35.47 -13.25
C TRP D 187 3.81 -34.19 -13.56
N HIS D 188 4.12 -33.42 -12.51
CA HIS D 188 4.54 -32.03 -12.65
C HIS D 188 5.87 -31.87 -13.36
N HIS D 189 6.75 -32.87 -13.32
CA HIS D 189 7.99 -32.74 -14.07
C HIS D 189 8.01 -33.76 -15.19
N GLY D 190 6.90 -33.86 -15.90
CA GLY D 190 6.76 -34.84 -16.95
C GLY D 190 5.95 -36.03 -16.48
N ALA D 191 5.34 -36.72 -17.43
CA ALA D 191 4.44 -37.80 -17.09
C ALA D 191 5.21 -39.01 -16.57
N VAL D 192 4.67 -39.64 -15.54
CA VAL D 192 5.27 -40.85 -14.97
C VAL D 192 5.02 -42.01 -15.92
N GLN D 193 5.72 -43.12 -15.70
CA GLN D 193 5.41 -44.37 -16.36
C GLN D 193 4.73 -45.29 -15.36
N TYR D 194 3.60 -45.88 -15.75
CA TYR D 194 2.94 -46.86 -14.89
C TYR D 194 3.19 -48.26 -15.41
N GLU D 195 3.70 -49.11 -14.53
CA GLU D 195 4.06 -50.52 -14.70
C GLU D 195 4.53 -50.98 -13.31
N ASN D 196 4.48 -52.30 -13.09
CA ASN D 196 4.98 -52.95 -11.87
C ASN D 196 4.18 -52.49 -10.64
N ASN D 197 2.91 -52.14 -10.88
CA ASN D 197 2.02 -51.48 -9.92
C ASN D 197 2.68 -50.25 -9.32
N ARG D 198 3.28 -49.44 -10.18
CA ARG D 198 4.13 -48.37 -9.71
C ARG D 198 4.16 -47.23 -10.72
N PHE D 199 4.10 -46.00 -10.22
CA PHE D 199 4.34 -44.84 -11.05
C PHE D 199 5.81 -44.47 -10.95
N THR D 200 6.38 -44.05 -12.08
CA THR D 200 7.83 -44.06 -12.24
C THR D 200 8.29 -42.97 -13.19
N VAL D 201 9.21 -42.13 -12.72
CA VAL D 201 9.84 -41.08 -13.52
C VAL D 201 11.27 -41.51 -13.86
N PRO D 202 11.96 -40.86 -14.80
CA PRO D 202 13.40 -41.13 -14.98
C PRO D 202 14.27 -40.67 -13.83
N ARG D 203 15.58 -40.87 -14.01
CA ARG D 203 16.55 -40.82 -12.92
C ARG D 203 16.69 -39.41 -12.37
N GLY D 204 16.24 -39.21 -11.14
CA GLY D 204 16.33 -37.92 -10.49
C GLY D 204 15.41 -36.86 -11.04
N VAL D 205 14.33 -37.26 -11.71
CA VAL D 205 13.36 -36.29 -12.21
C VAL D 205 12.60 -35.66 -11.04
N GLY D 206 12.40 -36.43 -9.97
CA GLY D 206 11.92 -35.85 -8.74
C GLY D 206 12.97 -34.94 -8.09
N GLY D 207 12.51 -34.19 -7.10
CA GLY D 207 13.40 -33.33 -6.33
C GLY D 207 12.86 -33.19 -4.94
N LYS D 208 13.70 -32.67 -4.04
CA LYS D 208 13.26 -32.46 -2.66
C LYS D 208 12.25 -31.32 -2.65
N GLY D 209 11.00 -31.66 -2.37
CA GLY D 209 9.86 -30.80 -2.62
C GLY D 209 8.80 -31.45 -3.47
N ASP D 210 9.10 -32.59 -4.09
CA ASP D 210 8.14 -33.24 -4.96
C ASP D 210 7.22 -34.19 -4.23
N SER D 211 7.30 -34.25 -2.91
CA SER D 211 6.28 -34.91 -2.12
C SER D 211 4.97 -34.15 -2.25
N GLY D 212 3.87 -34.86 -2.08
CA GLY D 212 2.57 -34.26 -2.29
C GLY D 212 2.30 -33.83 -3.71
N ARG D 213 2.98 -34.41 -4.69
CA ARG D 213 2.50 -33.93 -5.97
C ARG D 213 1.48 -34.89 -6.54
N PRO D 214 0.42 -34.36 -7.13
CA PRO D 214 -0.59 -35.23 -7.74
C PRO D 214 -0.11 -35.78 -9.06
N ILE D 215 -0.60 -36.95 -9.40
CA ILE D 215 -0.30 -37.61 -10.67
C ILE D 215 -1.61 -37.74 -11.43
N LEU D 216 -1.63 -37.24 -12.67
CA LEU D 216 -2.86 -36.84 -13.31
C LEU D 216 -3.14 -37.62 -14.58
N ASP D 217 -4.42 -37.91 -14.80
CA ASP D 217 -4.89 -38.50 -16.05
C ASP D 217 -4.89 -37.44 -17.15
N ASN D 218 -4.95 -37.91 -18.40
CA ASN D 218 -5.31 -37.10 -19.55
C ASN D 218 -6.78 -36.71 -19.56
N LYS D 219 -7.58 -37.21 -18.63
CA LYS D 219 -8.89 -36.66 -18.33
C LYS D 219 -8.84 -35.69 -17.16
N GLY D 220 -7.64 -35.33 -16.69
CA GLY D 220 -7.49 -34.49 -15.53
C GLY D 220 -7.64 -35.20 -14.21
N ARG D 221 -7.95 -36.49 -14.23
CA ARG D 221 -8.23 -37.23 -13.02
C ARG D 221 -6.92 -37.56 -12.29
N VAL D 222 -6.94 -37.50 -10.97
CA VAL D 222 -5.72 -37.65 -10.18
C VAL D 222 -5.69 -39.05 -9.56
N VAL D 223 -4.66 -39.81 -9.91
CA VAL D 223 -4.57 -41.20 -9.50
C VAL D 223 -3.75 -41.36 -8.23
N ALA D 224 -2.73 -40.54 -8.02
CA ALA D 224 -1.66 -40.91 -7.13
C ALA D 224 -1.02 -39.65 -6.58
N ILE D 225 -0.74 -39.68 -5.28
CA ILE D 225 -0.24 -38.53 -4.56
C ILE D 225 1.12 -38.90 -4.02
N VAL D 226 2.16 -38.21 -4.49
CA VAL D 226 3.53 -38.58 -4.21
C VAL D 226 3.86 -38.36 -2.73
N LEU D 227 3.98 -39.45 -1.99
CA LEU D 227 4.66 -39.37 -0.71
C LEU D 227 6.17 -39.30 -0.93
N GLY D 228 6.70 -40.29 -1.62
CA GLY D 228 8.14 -40.38 -1.84
C GLY D 228 8.48 -41.09 -3.11
N GLY D 229 9.57 -41.84 -3.09
CA GLY D 229 10.08 -42.50 -4.27
C GLY D 229 11.51 -42.93 -4.03
N VAL D 230 12.06 -43.66 -5.00
CA VAL D 230 13.42 -44.16 -4.91
C VAL D 230 13.95 -44.39 -6.32
N ASN D 231 15.25 -44.13 -6.51
CA ASN D 231 15.90 -44.35 -7.79
C ASN D 231 15.89 -45.82 -8.16
N GLU D 232 15.66 -46.08 -9.45
CA GLU D 232 15.62 -47.44 -9.98
C GLU D 232 16.60 -47.59 -11.13
N GLY D 233 17.76 -46.96 -11.01
CA GLY D 233 18.84 -47.12 -11.96
C GLY D 233 18.71 -46.27 -13.20
N SER D 234 17.86 -46.70 -14.12
CA SER D 234 17.56 -45.88 -15.29
C SER D 234 16.40 -44.94 -15.04
N ARG D 235 15.50 -45.32 -14.14
CA ARG D 235 14.34 -44.52 -13.83
C ARG D 235 14.26 -44.32 -12.32
N THR D 236 13.13 -43.83 -11.81
CA THR D 236 12.98 -43.55 -10.39
C THR D 236 11.55 -43.81 -9.96
N ALA D 237 11.38 -44.57 -8.88
CA ALA D 237 10.07 -44.94 -8.38
C ALA D 237 9.36 -43.73 -7.75
N LEU D 238 8.07 -43.92 -7.47
CA LEU D 238 7.25 -42.93 -6.78
C LEU D 238 6.43 -43.64 -5.72
N SER D 239 6.78 -43.43 -4.45
CA SER D 239 5.93 -43.88 -3.35
C SER D 239 4.72 -42.99 -3.30
N VAL D 240 3.55 -43.54 -3.63
CA VAL D 240 2.36 -42.72 -3.82
C VAL D 240 1.24 -43.19 -2.91
N VAL D 241 0.33 -42.27 -2.65
CA VAL D 241 -0.99 -42.61 -2.13
C VAL D 241 -1.90 -42.76 -3.34
N THR D 242 -2.24 -44.00 -3.66
CA THR D 242 -3.20 -44.25 -4.72
C THR D 242 -4.25 -45.22 -4.23
N TRP D 243 -5.08 -45.72 -5.12
CA TRP D 243 -6.15 -46.61 -4.75
C TRP D 243 -6.00 -47.96 -5.45
N ASN D 244 -6.72 -48.95 -4.94
CA ASN D 244 -6.63 -50.30 -5.48
C ASN D 244 -7.69 -50.49 -6.56
N GLN D 245 -7.96 -51.74 -6.92
CA GLN D 245 -8.97 -52.03 -7.94
C GLN D 245 -10.38 -51.81 -7.40
N LYS D 246 -10.57 -51.98 -6.08
CA LYS D 246 -11.78 -51.54 -5.42
C LYS D 246 -11.82 -50.04 -5.20
N GLY D 247 -10.74 -49.33 -5.50
CA GLY D 247 -10.69 -47.92 -5.20
C GLY D 247 -10.45 -47.63 -3.74
N VAL D 248 -9.87 -48.54 -3.02
CA VAL D 248 -9.59 -48.35 -1.61
C VAL D 248 -8.13 -47.91 -1.50
N THR D 249 -7.87 -46.95 -0.61
CA THR D 249 -6.57 -46.29 -0.53
C THR D 249 -5.45 -47.27 -0.23
N VAL D 250 -4.26 -46.96 -0.74
CA VAL D 250 -3.09 -47.77 -0.47
C VAL D 250 -1.88 -46.86 -0.43
N LYS D 251 -1.01 -47.09 0.56
CA LYS D 251 0.31 -46.48 0.59
C LYS D 251 1.21 -47.36 -0.25
N ASP D 252 1.17 -47.14 -1.56
CA ASP D 252 2.06 -47.85 -2.47
C ASP D 252 3.47 -47.36 -2.23
N THR D 253 4.35 -48.26 -1.83
CA THR D 253 5.68 -47.86 -1.42
C THR D 253 6.71 -48.85 -1.93
N PRO D 254 7.65 -48.41 -2.75
CA PRO D 254 8.78 -49.26 -3.10
C PRO D 254 9.72 -49.45 -1.92
N GLU D 255 10.55 -50.48 -2.03
CA GLU D 255 11.46 -50.83 -0.95
C GLU D 255 12.58 -49.81 -0.87
N GLY D 256 12.81 -49.28 0.33
CA GLY D 256 13.84 -48.28 0.52
C GLY D 256 13.50 -46.93 -0.04
N SER D 257 12.22 -46.58 -0.12
CA SER D 257 11.83 -45.28 -0.63
C SER D 257 12.18 -44.18 0.36
N GLU D 258 12.45 -43.00 -0.19
CA GLU D 258 12.84 -41.82 0.55
C GLU D 258 11.81 -40.73 0.29
N PRO D 259 11.69 -39.74 1.18
CA PRO D 259 10.82 -38.61 0.88
C PRO D 259 11.37 -37.74 -0.24
N TRP D 260 10.51 -36.86 -0.75
CA TRP D 260 10.96 -35.82 -1.65
C TRP D 260 10.77 -34.47 -1.00
#